data_3JPU
#
_entry.id   3JPU
#
_cell.length_a   153.148
_cell.length_b   82.428
_cell.length_c   90.493
_cell.angle_alpha   90.00
_cell.angle_beta   126.01
_cell.angle_gamma   90.00
#
_symmetry.space_group_name_H-M   'C 1 2 1'
#
loop_
_entity.id
_entity.type
_entity.pdbx_description
1 polymer 'Transcriptional activator protein lasR'
2 non-polymer '4-bromo-2-({[(2-chlorophenyl)carbonyl]amino}methyl)-6-methylphenyl 2,4-dichlorobenzoate'
3 water water
#
_entity_poly.entity_id   1
_entity_poly.type   'polypeptide(L)'
_entity_poly.pdbx_seq_one_letter_code
;MALVDGFLELERSSGKLEWSAILQKMASDLGFSKILFGLLPKDSQDYENAFIVGNYPAAWREHYDRAGYARVDPTVSHCT
QSVLPIFWEPSIYQTRKQHEFFEEASAAGLVYGLTMPLHGARGELGALSLSVEAENRAEANRFMESVLPTLWMLKDYALQ
SGAGLAFEHPVSK
;
_entity_poly.pdbx_strand_id   A,B,C,D,E
#
# COMPACT_ATOMS: atom_id res chain seq x y z
N GLY A 6 8.03 -46.65 -12.76
CA GLY A 6 9.41 -46.31 -12.33
C GLY A 6 9.96 -45.11 -13.08
N PHE A 7 10.94 -44.45 -12.45
CA PHE A 7 11.51 -43.24 -13.03
C PHE A 7 12.52 -43.60 -14.11
N LEU A 8 13.16 -44.76 -13.97
CA LEU A 8 14.20 -45.19 -14.90
C LEU A 8 13.62 -45.48 -16.31
N GLU A 9 12.48 -46.17 -16.40
CA GLU A 9 11.85 -46.36 -17.73
C GLU A 9 11.66 -45.03 -18.46
N LEU A 10 11.54 -43.95 -17.72
CA LEU A 10 11.31 -42.67 -18.32
C LEU A 10 12.58 -42.17 -18.99
N GLU A 11 13.67 -42.22 -18.25
CA GLU A 11 14.95 -41.71 -18.73
C GLU A 11 15.51 -42.63 -19.83
N ARG A 12 15.34 -43.94 -19.69
CA ARG A 12 15.89 -44.87 -20.66
C ARG A 12 14.91 -45.16 -21.79
N SER A 13 13.94 -44.30 -22.04
CA SER A 13 13.01 -44.58 -23.15
C SER A 13 13.52 -43.84 -24.37
N SER A 14 13.21 -44.37 -25.55
CA SER A 14 13.88 -43.90 -26.77
C SER A 14 13.14 -42.70 -27.39
N GLY A 15 11.97 -42.94 -27.95
CA GLY A 15 11.25 -41.88 -28.62
C GLY A 15 10.19 -41.13 -27.83
N LYS A 16 9.63 -40.15 -28.52
CA LYS A 16 8.61 -39.26 -28.04
C LYS A 16 7.33 -40.03 -27.65
N LEU A 17 6.89 -40.96 -28.50
CA LEU A 17 5.72 -41.77 -28.16
C LEU A 17 5.93 -42.57 -26.89
N GLU A 18 6.99 -43.37 -26.84
CA GLU A 18 7.30 -44.18 -25.67
C GLU A 18 7.46 -43.37 -24.38
N TRP A 19 8.24 -42.29 -24.42
CA TRP A 19 8.46 -41.43 -23.29
C TRP A 19 7.14 -40.79 -22.77
N SER A 20 6.29 -40.33 -23.69
CA SER A 20 5.08 -39.63 -23.32
C SER A 20 4.05 -40.68 -22.86
N ALA A 21 4.07 -41.87 -23.45
CA ALA A 21 3.23 -42.97 -22.97
C ALA A 21 3.54 -43.29 -21.48
N ILE A 22 4.82 -43.39 -21.14
CA ILE A 22 5.32 -43.71 -19.79
C ILE A 22 5.00 -42.57 -18.78
N LEU A 23 5.37 -41.35 -19.12
CA LEU A 23 4.95 -40.22 -18.31
C LEU A 23 3.45 -40.23 -18.01
N GLN A 24 2.64 -40.51 -19.03
CA GLN A 24 1.19 -40.52 -18.90
C GLN A 24 0.66 -41.71 -18.04
N LYS A 25 1.31 -42.87 -18.07
CA LYS A 25 0.87 -43.96 -17.24
C LYS A 25 1.39 -43.72 -15.81
N MET A 26 2.56 -43.21 -15.66
CA MET A 26 2.97 -42.87 -14.29
C MET A 26 1.95 -41.90 -13.67
N ALA A 27 1.53 -40.89 -14.43
CA ALA A 27 0.53 -39.97 -13.96
C ALA A 27 -0.82 -40.61 -13.62
N SER A 28 -1.37 -41.52 -14.45
CA SER A 28 -2.61 -42.22 -14.08
C SER A 28 -2.46 -43.15 -12.91
N ASP A 29 -1.34 -43.86 -12.85
CA ASP A 29 -1.00 -44.75 -11.75
C ASP A 29 -0.89 -43.96 -10.45
N LEU A 30 -0.37 -42.73 -10.54
CA LEU A 30 -0.35 -41.86 -9.34
C LEU A 30 -1.78 -41.35 -8.97
N GLY A 31 -2.75 -41.50 -9.88
CA GLY A 31 -4.14 -41.21 -9.56
C GLY A 31 -4.64 -39.95 -10.25
N PHE A 32 -3.82 -39.33 -11.09
CA PHE A 32 -4.24 -38.19 -11.90
C PHE A 32 -4.96 -38.60 -13.18
N SER A 33 -5.91 -37.81 -13.63
CA SER A 33 -6.71 -38.21 -14.75
C SER A 33 -6.20 -37.64 -16.10
N LYS A 34 -5.97 -36.34 -16.15
CA LYS A 34 -5.54 -35.69 -17.36
C LYS A 34 -4.18 -35.08 -17.06
N ILE A 35 -3.38 -35.03 -18.10
CA ILE A 35 -1.98 -34.60 -17.94
C ILE A 35 -1.57 -33.75 -19.13
N LEU A 36 -0.83 -32.68 -18.88
CA LEU A 36 -0.20 -31.92 -19.94
C LEU A 36 1.22 -31.67 -19.56
N PHE A 37 2.16 -32.02 -20.46
CA PHE A 37 3.55 -31.64 -20.27
C PHE A 37 3.81 -30.68 -21.41
N GLY A 38 4.33 -29.52 -21.12
CA GLY A 38 4.59 -28.54 -22.19
C GLY A 38 5.93 -27.91 -21.90
N LEU A 39 6.68 -27.64 -22.95
CA LEU A 39 8.08 -27.19 -22.79
C LEU A 39 8.49 -26.31 -23.94
N LEU A 40 9.20 -25.26 -23.62
CA LEU A 40 9.66 -24.29 -24.59
C LEU A 40 11.17 -24.14 -24.38
N PRO A 41 11.95 -23.92 -25.46
CA PRO A 41 13.39 -23.67 -25.33
C PRO A 41 13.69 -22.32 -24.72
N LYS A 42 14.94 -22.09 -24.39
CA LYS A 42 15.35 -20.86 -23.75
C LYS A 42 14.91 -19.59 -24.51
N ASP A 43 14.39 -18.62 -23.76
CA ASP A 43 13.95 -17.30 -24.24
C ASP A 43 12.81 -17.31 -25.26
N SER A 44 12.06 -18.40 -25.33
CA SER A 44 10.87 -18.42 -26.16
C SER A 44 9.61 -18.13 -25.35
N GLN A 45 8.76 -17.32 -25.95
CA GLN A 45 7.42 -17.07 -25.42
C GLN A 45 6.40 -17.58 -26.44
N ASP A 46 6.82 -18.48 -27.33
CA ASP A 46 5.98 -18.99 -28.39
C ASP A 46 5.03 -20.12 -27.97
N TYR A 47 4.09 -19.81 -27.09
CA TYR A 47 3.23 -20.86 -26.52
C TYR A 47 2.41 -21.67 -27.52
N GLU A 48 2.09 -21.08 -28.69
CA GLU A 48 1.36 -21.81 -29.75
C GLU A 48 2.24 -22.86 -30.43
N ASN A 49 3.55 -22.83 -30.15
CA ASN A 49 4.55 -23.71 -30.78
C ASN A 49 5.41 -24.49 -29.77
N ALA A 50 4.95 -24.54 -28.53
CA ALA A 50 5.57 -25.36 -27.49
C ALA A 50 5.53 -26.86 -27.82
N PHE A 51 6.56 -27.59 -27.38
CA PHE A 51 6.48 -29.04 -27.32
C PHE A 51 5.37 -29.45 -26.35
N ILE A 52 4.34 -30.15 -26.80
CA ILE A 52 3.22 -30.46 -25.92
C ILE A 52 2.70 -31.86 -26.11
N VAL A 53 2.75 -32.65 -25.03
CA VAL A 53 2.17 -34.00 -25.03
C VAL A 53 1.22 -34.16 -23.85
N GLY A 54 0.30 -35.09 -24.00
CA GLY A 54 -0.52 -35.44 -22.88
C GLY A 54 -1.83 -35.92 -23.40
N ASN A 55 -2.85 -35.88 -22.55
CA ASN A 55 -4.16 -36.39 -22.94
C ASN A 55 -5.30 -35.36 -22.78
N TYR A 56 -4.96 -34.07 -22.74
CA TYR A 56 -6.02 -33.03 -22.75
C TYR A 56 -6.84 -33.24 -23.97
N PRO A 57 -8.17 -33.11 -23.87
CA PRO A 57 -8.89 -33.32 -25.12
C PRO A 57 -8.42 -32.36 -26.19
N ALA A 58 -8.39 -32.87 -27.42
CA ALA A 58 -7.98 -32.18 -28.61
C ALA A 58 -8.75 -30.87 -28.84
N ALA A 59 -10.09 -30.94 -28.82
CA ALA A 59 -10.93 -29.72 -28.91
C ALA A 59 -10.55 -28.62 -27.89
N TRP A 60 -10.10 -29.01 -26.72
CA TRP A 60 -9.77 -28.02 -25.71
C TRP A 60 -8.40 -27.41 -25.98
N ARG A 61 -7.47 -28.21 -26.45
CA ARG A 61 -6.17 -27.70 -26.80
C ARG A 61 -6.34 -26.71 -27.94
N GLU A 62 -7.26 -27.01 -28.84
CA GLU A 62 -7.54 -26.21 -30.04
C GLU A 62 -8.12 -24.84 -29.67
N HIS A 63 -9.11 -24.86 -28.78
CA HIS A 63 -9.75 -23.67 -28.30
C HIS A 63 -8.69 -22.80 -27.61
N TYR A 64 -7.88 -23.43 -26.79
CA TYR A 64 -6.84 -22.74 -26.01
C TYR A 64 -5.91 -21.92 -26.94
N ASP A 65 -5.36 -22.57 -27.97
CA ASP A 65 -4.45 -21.93 -28.92
C ASP A 65 -5.13 -20.81 -29.71
N ARG A 66 -6.34 -21.09 -30.19
CA ARG A 66 -7.13 -20.19 -30.96
C ARG A 66 -7.67 -18.92 -30.26
N ALA A 67 -7.93 -19.03 -28.96
CA ALA A 67 -8.41 -17.91 -28.13
C ALA A 67 -7.25 -17.15 -27.46
N GLY A 68 -6.01 -17.73 -27.54
CA GLY A 68 -4.82 -17.10 -26.99
C GLY A 68 -4.84 -17.15 -25.49
N TYR A 69 -5.21 -18.33 -24.93
CA TYR A 69 -5.32 -18.46 -23.47
C TYR A 69 -4.00 -18.40 -22.72
N ALA A 70 -2.90 -18.60 -23.45
CA ALA A 70 -1.57 -18.59 -22.78
C ALA A 70 -1.36 -17.24 -22.08
N ARG A 71 -1.98 -16.19 -22.60
CA ARG A 71 -1.84 -14.83 -22.09
C ARG A 71 -2.75 -14.57 -20.89
N VAL A 72 -3.72 -15.47 -20.70
CA VAL A 72 -4.80 -15.33 -19.73
C VAL A 72 -4.64 -16.31 -18.57
N ASP A 73 -4.46 -17.57 -18.93
CA ASP A 73 -4.21 -18.69 -18.01
C ASP A 73 -3.24 -18.31 -16.91
N PRO A 74 -3.72 -18.25 -15.65
CA PRO A 74 -2.84 -17.76 -14.59
C PRO A 74 -1.71 -18.71 -14.26
N THR A 75 -1.85 -19.98 -14.63
CA THR A 75 -0.75 -20.91 -14.36
C THR A 75 0.47 -20.59 -15.24
N VAL A 76 0.24 -19.98 -16.41
CA VAL A 76 1.36 -19.63 -17.30
C VAL A 76 2.27 -18.56 -16.68
N SER A 77 1.71 -17.42 -16.29
CA SER A 77 2.52 -16.40 -15.66
C SER A 77 3.16 -16.91 -14.38
N HIS A 78 2.46 -17.77 -13.64
CA HIS A 78 3.07 -18.36 -12.47
C HIS A 78 4.38 -19.14 -12.82
N CYS A 79 4.32 -20.01 -13.83
CA CYS A 79 5.50 -20.86 -14.13
C CYS A 79 6.70 -19.99 -14.48
N THR A 80 6.40 -18.78 -14.95
CA THR A 80 7.40 -17.89 -15.45
C THR A 80 8.18 -17.27 -14.31
N GLN A 81 7.57 -17.21 -13.13
CA GLN A 81 8.19 -16.55 -11.99
C GLN A 81 8.51 -17.47 -10.82
N SER A 82 8.13 -18.73 -10.90
CA SER A 82 8.21 -19.56 -9.74
C SER A 82 8.63 -21.00 -10.07
N VAL A 83 9.27 -21.66 -9.14
CA VAL A 83 9.47 -23.13 -9.27
C VAL A 83 8.43 -23.95 -8.42
N LEU A 84 7.52 -23.28 -7.69
CA LEU A 84 6.58 -23.99 -6.80
C LEU A 84 5.32 -24.34 -7.54
N PRO A 85 4.60 -25.39 -7.10
CA PRO A 85 3.36 -25.70 -7.81
C PRO A 85 2.30 -24.62 -7.55
N ILE A 86 1.39 -24.44 -8.49
CA ILE A 86 0.20 -23.67 -8.22
C ILE A 86 -0.99 -24.63 -8.33
N PHE A 87 -1.74 -24.78 -7.26
CA PHE A 87 -2.97 -25.57 -7.30
C PHE A 87 -4.09 -24.77 -7.96
N TRP A 88 -4.93 -25.46 -8.71
CA TRP A 88 -6.06 -24.85 -9.40
C TRP A 88 -7.19 -24.52 -8.45
N GLU A 89 -7.17 -23.31 -7.92
CA GLU A 89 -8.17 -22.82 -7.01
C GLU A 89 -8.77 -21.47 -7.45
N PRO A 90 -10.03 -21.16 -7.06
CA PRO A 90 -10.75 -19.90 -7.44
C PRO A 90 -9.84 -18.67 -7.27
N SER A 91 -9.21 -18.58 -6.10
CA SER A 91 -8.12 -17.66 -5.83
C SER A 91 -7.25 -17.22 -7.04
N ILE A 92 -6.67 -18.18 -7.78
CA ILE A 92 -5.73 -17.86 -8.88
C ILE A 92 -6.45 -17.16 -10.08
N TYR A 93 -7.77 -17.28 -10.13
CA TYR A 93 -8.51 -16.68 -11.24
C TYR A 93 -8.97 -15.30 -10.83
N GLN A 94 -8.08 -14.28 -11.01
CA GLN A 94 -8.26 -13.00 -10.32
C GLN A 94 -9.07 -11.94 -11.12
N THR A 95 -8.78 -11.75 -12.45
CA THR A 95 -9.53 -10.86 -13.32
C THR A 95 -10.76 -11.59 -13.82
N ARG A 96 -11.63 -10.86 -14.83
CA ARG A 96 -12.84 -11.66 -15.21
C ARG A 96 -12.74 -12.49 -16.45
N LYS A 97 -11.78 -12.06 -17.35
CA LYS A 97 -11.33 -12.93 -18.48
C LYS A 97 -10.77 -14.34 -17.86
N GLN A 98 -10.09 -14.24 -16.77
CA GLN A 98 -9.52 -15.46 -16.00
C GLN A 98 -10.72 -16.35 -15.45
N HIS A 99 -11.85 -15.66 -15.11
CA HIS A 99 -13.04 -16.40 -14.63
C HIS A 99 -13.73 -17.23 -15.79
N GLU A 100 -13.82 -16.44 -16.97
CA GLU A 100 -14.27 -17.06 -18.21
C GLU A 100 -13.33 -18.28 -18.49
N PHE A 101 -12.03 -18.04 -18.33
CA PHE A 101 -11.11 -19.10 -18.65
C PHE A 101 -11.45 -20.32 -17.78
N PHE A 102 -11.64 -20.07 -16.46
CA PHE A 102 -12.06 -21.10 -15.48
C PHE A 102 -13.36 -21.83 -15.78
N GLU A 103 -14.39 -21.13 -16.28
CA GLU A 103 -15.66 -21.79 -16.57
C GLU A 103 -15.51 -22.67 -17.83
N GLU A 104 -14.53 -22.33 -18.66
CA GLU A 104 -14.32 -23.10 -19.87
C GLU A 104 -13.50 -24.36 -19.54
N ALA A 105 -12.43 -24.19 -18.79
CA ALA A 105 -11.64 -25.32 -18.37
C ALA A 105 -12.51 -26.33 -17.62
N SER A 106 -13.35 -25.82 -16.73
CA SER A 106 -14.29 -26.65 -15.98
C SER A 106 -15.22 -27.40 -16.86
N ALA A 107 -15.75 -26.72 -17.86
CA ALA A 107 -16.59 -27.38 -18.83
C ALA A 107 -15.79 -28.40 -19.66
N ALA A 108 -14.47 -28.35 -19.62
CA ALA A 108 -13.67 -29.30 -20.36
C ALA A 108 -13.10 -30.29 -19.38
N GLY A 109 -13.57 -30.22 -18.14
CA GLY A 109 -13.19 -31.23 -17.18
C GLY A 109 -11.99 -30.91 -16.36
N LEU A 110 -11.40 -29.74 -16.53
CA LEU A 110 -10.29 -29.37 -15.65
C LEU A 110 -10.72 -28.54 -14.45
N VAL A 111 -11.06 -29.19 -13.35
CA VAL A 111 -11.52 -28.45 -12.20
C VAL A 111 -10.53 -28.53 -11.06
N TYR A 112 -10.25 -29.71 -10.55
CA TYR A 112 -9.25 -29.82 -9.51
C TYR A 112 -7.92 -30.28 -10.16
N GLY A 113 -6.79 -29.83 -9.61
CA GLY A 113 -5.47 -30.07 -10.20
C GLY A 113 -4.37 -29.13 -9.74
N LEU A 114 -3.18 -29.32 -10.31
CA LEU A 114 -2.03 -28.44 -10.12
C LEU A 114 -1.16 -28.43 -11.34
N THR A 115 -0.30 -27.42 -11.37
CA THR A 115 0.66 -27.20 -12.44
C THR A 115 2.01 -27.04 -11.77
N MET A 116 2.93 -27.91 -12.15
CA MET A 116 4.30 -27.90 -11.68
C MET A 116 5.16 -27.19 -12.75
N PRO A 117 5.74 -26.03 -12.42
CA PRO A 117 6.63 -25.31 -13.33
C PRO A 117 7.91 -26.10 -13.60
N LEU A 118 8.45 -25.95 -14.80
CA LEU A 118 9.64 -26.66 -15.25
C LEU A 118 10.62 -25.61 -15.69
N HIS A 119 11.78 -25.63 -15.03
CA HIS A 119 12.91 -24.80 -15.38
C HIS A 119 14.12 -25.68 -15.58
N GLY A 120 14.50 -25.87 -16.86
CA GLY A 120 15.57 -26.78 -17.20
C GLY A 120 16.96 -26.25 -16.98
N ALA A 121 17.92 -27.15 -16.99
CA ALA A 121 19.38 -26.77 -16.96
C ALA A 121 19.79 -25.91 -18.13
N ARG A 122 19.15 -26.06 -19.28
CA ARG A 122 19.63 -25.21 -20.38
C ARG A 122 18.67 -24.02 -20.61
N GLY A 123 17.93 -23.64 -19.59
CA GLY A 123 16.95 -22.56 -19.66
C GLY A 123 15.54 -22.91 -20.15
N GLU A 124 15.24 -24.20 -20.32
CA GLU A 124 13.93 -24.58 -20.80
C GLU A 124 12.81 -24.06 -19.90
N LEU A 125 11.64 -23.80 -20.48
CA LEU A 125 10.50 -23.31 -19.70
C LEU A 125 9.34 -24.16 -20.05
N GLY A 126 8.58 -24.55 -19.04
CA GLY A 126 7.46 -25.41 -19.26
C GLY A 126 6.60 -25.59 -18.05
N ALA A 127 5.78 -26.62 -18.11
CA ALA A 127 4.83 -26.90 -17.06
C ALA A 127 4.44 -28.33 -17.19
N LEU A 128 4.32 -28.99 -16.06
CA LEU A 128 3.58 -30.26 -16.02
C LEU A 128 2.27 -29.98 -15.29
N SER A 129 1.15 -30.16 -15.99
CA SER A 129 -0.14 -30.00 -15.30
C SER A 129 -0.89 -31.27 -15.15
N LEU A 130 -1.52 -31.45 -13.99
CA LEU A 130 -2.28 -32.68 -13.72
C LEU A 130 -3.65 -32.42 -13.08
N SER A 131 -4.67 -33.00 -13.68
CA SER A 131 -6.03 -33.01 -13.16
C SER A 131 -6.31 -34.13 -12.23
N VAL A 132 -7.25 -33.89 -11.32
CA VAL A 132 -7.72 -34.89 -10.39
C VAL A 132 -9.24 -34.93 -10.48
N GLU A 133 -9.80 -36.12 -10.66
CA GLU A 133 -11.22 -36.31 -10.53
C GLU A 133 -11.53 -36.61 -9.06
N ALA A 134 -12.21 -35.67 -8.41
CA ALA A 134 -12.69 -35.84 -7.07
C ALA A 134 -14.17 -35.45 -7.04
N GLU A 135 -14.93 -36.05 -6.11
CA GLU A 135 -16.31 -35.57 -5.91
C GLU A 135 -16.33 -34.16 -5.32
N ASN A 136 -14.98 -33.59 -5.03
CA ASN A 136 -14.88 -32.25 -4.49
C ASN A 136 -13.38 -31.90 -4.17
N ARG A 137 -13.11 -30.56 -3.96
CA ARG A 137 -11.75 -29.99 -3.64
C ARG A 137 -11.11 -30.40 -2.25
N ALA A 138 -11.89 -30.99 -1.31
CA ALA A 138 -11.29 -31.43 0.04
C ALA A 138 -10.63 -32.90 -0.03
N GLU A 139 -11.45 -33.71 -0.79
CA GLU A 139 -10.98 -35.02 -1.26
C GLU A 139 -9.77 -34.81 -2.23
N ALA A 140 -9.89 -33.83 -3.14
CA ALA A 140 -8.87 -33.52 -4.15
C ALA A 140 -7.56 -33.05 -3.53
N ASN A 141 -7.63 -32.28 -2.44
CA ASN A 141 -6.45 -31.84 -1.73
C ASN A 141 -5.83 -32.94 -0.89
N ARG A 142 -6.67 -33.66 -0.16
CA ARG A 142 -6.23 -34.87 0.52
C ARG A 142 -5.43 -35.70 -0.50
N PHE A 143 -5.98 -35.96 -1.68
CA PHE A 143 -5.30 -36.80 -2.64
C PHE A 143 -3.93 -36.19 -3.01
N MET A 144 -3.98 -34.94 -3.47
CA MET A 144 -2.83 -34.18 -3.90
C MET A 144 -1.72 -34.15 -2.87
N GLU A 145 -2.10 -34.01 -1.61
CA GLU A 145 -1.15 -33.92 -0.52
C GLU A 145 -0.48 -35.27 -0.29
N SER A 146 -1.22 -36.37 -0.49
CA SER A 146 -0.62 -37.72 -0.38
C SER A 146 0.40 -38.06 -1.52
N VAL A 147 0.28 -37.41 -2.68
CA VAL A 147 1.13 -37.70 -3.86
C VAL A 147 2.22 -36.68 -4.18
N LEU A 148 2.08 -35.45 -3.69
CA LEU A 148 3.03 -34.34 -3.89
C LEU A 148 4.52 -34.68 -3.88
N PRO A 149 4.99 -35.36 -2.84
CA PRO A 149 6.43 -35.62 -2.87
C PRO A 149 6.85 -36.49 -4.07
N THR A 150 6.03 -37.50 -4.41
CA THR A 150 6.25 -38.34 -5.56
C THR A 150 6.17 -37.53 -6.84
N LEU A 151 5.13 -36.71 -7.00
CA LEU A 151 4.99 -35.82 -8.09
C LEU A 151 6.16 -34.84 -8.27
N TRP A 152 6.68 -34.35 -7.15
CA TRP A 152 7.70 -33.40 -7.18
C TRP A 152 8.96 -33.98 -7.81
N MET A 153 9.31 -35.21 -7.40
CA MET A 153 10.33 -35.99 -8.07
C MET A 153 10.02 -36.24 -9.55
N LEU A 154 8.78 -36.67 -9.85
CA LEU A 154 8.34 -36.96 -11.20
C LEU A 154 8.56 -35.78 -12.18
N LYS A 155 8.24 -34.56 -11.77
CA LYS A 155 8.28 -33.41 -12.66
C LYS A 155 9.71 -33.14 -13.06
N ASP A 156 10.63 -33.32 -12.14
CA ASP A 156 12.08 -33.22 -12.46
C ASP A 156 12.66 -34.35 -13.38
N TYR A 157 12.39 -35.61 -13.08
CA TYR A 157 12.71 -36.68 -14.00
C TYR A 157 12.09 -36.44 -15.36
N ALA A 158 10.85 -35.94 -15.38
CA ALA A 158 10.15 -35.68 -16.64
C ALA A 158 10.82 -34.56 -17.43
N LEU A 159 11.29 -33.53 -16.77
CA LEU A 159 11.93 -32.45 -17.40
C LEU A 159 13.33 -32.84 -17.95
N GLN A 160 14.14 -33.51 -17.13
CA GLN A 160 15.47 -33.93 -17.52
C GLN A 160 15.39 -34.85 -18.72
N SER A 161 14.57 -35.89 -18.65
CA SER A 161 14.48 -36.86 -19.73
C SER A 161 13.76 -36.30 -20.94
N GLY A 162 12.72 -35.50 -20.73
CA GLY A 162 11.92 -34.97 -21.83
C GLY A 162 12.57 -33.79 -22.55
N ALA A 163 13.38 -32.98 -21.85
CA ALA A 163 14.14 -31.93 -22.48
C ALA A 163 14.96 -32.47 -23.68
N GLY A 164 15.53 -33.66 -23.56
CA GLY A 164 16.37 -34.22 -24.64
C GLY A 164 15.61 -34.72 -25.85
N LEU A 165 14.31 -34.51 -25.88
CA LEU A 165 13.54 -34.92 -27.06
C LEU A 165 12.52 -33.92 -27.65
N ALA A 166 12.26 -32.84 -26.93
CA ALA A 166 11.73 -31.63 -27.54
C ALA A 166 12.92 -30.84 -28.09
N GLY B 6 -33.76 -10.24 7.89
CA GLY B 6 -32.74 -11.28 8.15
C GLY B 6 -31.34 -10.90 7.70
N PHE B 7 -30.55 -10.30 8.60
CA PHE B 7 -29.11 -10.22 8.34
C PHE B 7 -28.50 -11.63 8.28
N LEU B 8 -29.08 -12.53 9.07
CA LEU B 8 -28.71 -13.93 9.17
C LEU B 8 -28.79 -14.63 7.81
N GLU B 9 -29.87 -14.34 7.08
CA GLU B 9 -30.10 -14.90 5.75
C GLU B 9 -29.05 -14.52 4.72
N LEU B 10 -28.44 -13.34 4.89
CA LEU B 10 -27.32 -12.95 4.08
C LEU B 10 -26.21 -13.92 4.42
N GLU B 11 -25.92 -14.00 5.72
CA GLU B 11 -24.82 -14.80 6.23
C GLU B 11 -24.93 -16.28 5.82
N ARG B 12 -26.12 -16.76 5.46
CA ARG B 12 -26.31 -18.17 5.11
C ARG B 12 -26.94 -18.52 3.75
N SER B 13 -26.49 -17.84 2.69
CA SER B 13 -26.99 -18.09 1.31
C SER B 13 -26.04 -18.94 0.46
N SER B 14 -26.57 -19.58 -0.59
CA SER B 14 -25.77 -20.54 -1.39
C SER B 14 -24.60 -19.92 -2.17
N GLY B 15 -24.90 -19.15 -3.22
CA GLY B 15 -23.86 -18.60 -4.09
C GLY B 15 -24.09 -17.15 -4.39
N LYS B 16 -23.36 -16.62 -5.37
CA LYS B 16 -23.50 -15.23 -5.83
C LYS B 16 -24.97 -14.81 -5.97
N LEU B 17 -25.74 -15.58 -6.73
CA LEU B 17 -27.06 -15.15 -7.14
C LEU B 17 -27.87 -14.83 -5.89
N GLU B 18 -27.90 -15.78 -4.96
CA GLU B 18 -28.78 -15.74 -3.84
C GLU B 18 -28.35 -14.66 -2.84
N TRP B 19 -27.05 -14.60 -2.54
CA TRP B 19 -26.49 -13.53 -1.72
C TRP B 19 -26.68 -12.15 -2.37
N SER B 20 -26.36 -12.02 -3.64
CA SER B 20 -26.52 -10.79 -4.37
C SER B 20 -27.98 -10.33 -4.37
N ALA B 21 -28.90 -11.27 -4.62
CA ALA B 21 -30.35 -10.99 -4.56
C ALA B 21 -30.79 -10.39 -3.21
N ILE B 22 -30.36 -11.02 -2.11
CA ILE B 22 -30.77 -10.67 -0.75
C ILE B 22 -30.28 -9.26 -0.28
N LEU B 23 -29.02 -8.97 -0.57
CA LEU B 23 -28.46 -7.67 -0.31
C LEU B 23 -29.27 -6.61 -1.05
N GLN B 24 -29.49 -6.89 -2.34
CA GLN B 24 -30.27 -6.05 -3.25
C GLN B 24 -31.68 -5.87 -2.69
N LYS B 25 -32.33 -6.94 -2.22
CA LYS B 25 -33.67 -6.79 -1.65
C LYS B 25 -33.62 -5.95 -0.39
N MET B 26 -32.70 -6.23 0.51
CA MET B 26 -32.71 -5.53 1.79
C MET B 26 -32.51 -4.01 1.68
N ALA B 27 -31.61 -3.61 0.79
CA ALA B 27 -31.31 -2.22 0.52
C ALA B 27 -32.52 -1.50 -0.09
N SER B 28 -33.23 -2.21 -0.97
CA SER B 28 -34.38 -1.71 -1.67
C SER B 28 -35.52 -1.44 -0.72
N ASP B 29 -35.73 -2.39 0.18
CA ASP B 29 -36.79 -2.34 1.16
C ASP B 29 -36.50 -1.28 2.22
N LEU B 30 -35.22 -1.01 2.45
CA LEU B 30 -34.84 0.06 3.36
C LEU B 30 -35.24 1.41 2.77
N GLY B 31 -35.18 1.52 1.43
CA GLY B 31 -35.66 2.69 0.73
C GLY B 31 -34.77 3.22 -0.36
N PHE B 32 -33.63 2.56 -0.57
CA PHE B 32 -32.66 3.00 -1.59
C PHE B 32 -33.05 2.56 -2.98
N SER B 33 -32.36 3.06 -4.00
CA SER B 33 -32.65 2.66 -5.37
C SER B 33 -31.46 2.02 -6.13
N LYS B 34 -30.44 2.79 -6.49
CA LYS B 34 -29.26 2.18 -7.15
C LYS B 34 -28.32 1.55 -6.10
N ILE B 35 -27.65 0.47 -6.50
CA ILE B 35 -26.76 -0.22 -5.57
C ILE B 35 -25.55 -0.93 -6.14
N LEU B 36 -24.43 -0.71 -5.47
CA LEU B 36 -23.19 -1.36 -5.90
C LEU B 36 -22.46 -1.88 -4.72
N PHE B 37 -22.14 -3.17 -4.74
CA PHE B 37 -21.27 -3.75 -3.73
C PHE B 37 -20.00 -4.14 -4.46
N GLY B 38 -18.91 -3.52 -4.07
CA GLY B 38 -17.63 -3.74 -4.71
C GLY B 38 -16.69 -4.31 -3.65
N LEU B 39 -15.84 -5.27 -4.04
CA LEU B 39 -14.89 -5.88 -3.08
C LEU B 39 -13.60 -6.39 -3.74
N LEU B 40 -12.48 -5.95 -3.18
CA LEU B 40 -11.15 -6.42 -3.61
C LEU B 40 -10.55 -7.25 -2.48
N PRO B 41 -9.78 -8.32 -2.84
CA PRO B 41 -9.05 -9.12 -1.83
C PRO B 41 -7.86 -8.29 -1.35
N LYS B 42 -7.18 -8.74 -0.30
CA LYS B 42 -6.09 -7.95 0.29
C LYS B 42 -4.95 -7.57 -0.68
N ASP B 43 -4.44 -6.34 -0.52
CA ASP B 43 -3.24 -5.86 -1.23
C ASP B 43 -3.49 -5.51 -2.70
N SER B 44 -4.76 -5.53 -3.09
CA SER B 44 -5.13 -5.37 -4.48
C SER B 44 -5.57 -3.94 -4.72
N GLN B 45 -5.42 -3.51 -5.97
CA GLN B 45 -5.66 -2.15 -6.39
C GLN B 45 -6.34 -2.27 -7.73
N ASP B 46 -6.69 -3.50 -8.09
CA ASP B 46 -7.16 -3.77 -9.43
C ASP B 46 -8.69 -3.64 -9.52
N TYR B 47 -9.12 -2.37 -9.50
CA TYR B 47 -10.53 -1.98 -9.44
C TYR B 47 -11.40 -2.55 -10.55
N GLU B 48 -10.83 -2.56 -11.76
CA GLU B 48 -11.46 -3.08 -12.96
C GLU B 48 -11.88 -4.54 -12.84
N ASN B 49 -11.39 -5.24 -11.82
CA ASN B 49 -11.59 -6.68 -11.69
C ASN B 49 -12.00 -6.97 -10.29
N ALA B 50 -12.60 -5.98 -9.65
CA ALA B 50 -13.19 -6.19 -8.33
C ALA B 50 -14.39 -7.16 -8.46
N PHE B 51 -14.81 -7.77 -7.35
CA PHE B 51 -16.06 -8.47 -7.30
C PHE B 51 -17.13 -7.35 -7.14
N ILE B 52 -18.09 -7.29 -8.06
CA ILE B 52 -19.10 -6.25 -8.08
C ILE B 52 -20.50 -6.82 -8.29
N VAL B 53 -21.45 -6.44 -7.44
CA VAL B 53 -22.85 -6.77 -7.71
C VAL B 53 -23.72 -5.56 -7.44
N GLY B 54 -24.99 -5.65 -7.85
CA GLY B 54 -25.94 -4.58 -7.74
C GLY B 54 -26.58 -4.23 -9.09
N ASN B 55 -27.22 -3.08 -9.18
CA ASN B 55 -28.15 -2.78 -10.30
C ASN B 55 -27.69 -1.63 -11.19
N TYR B 56 -26.59 -0.99 -10.82
CA TYR B 56 -25.93 -0.07 -11.72
C TYR B 56 -25.96 -0.60 -13.16
N PRO B 57 -26.53 0.17 -14.10
CA PRO B 57 -26.55 -0.21 -15.51
C PRO B 57 -25.15 -0.57 -16.03
N ALA B 58 -25.06 -1.64 -16.83
CA ALA B 58 -23.78 -2.15 -17.29
C ALA B 58 -23.11 -1.16 -18.23
N ALA B 59 -23.93 -0.38 -18.93
CA ALA B 59 -23.44 0.71 -19.76
C ALA B 59 -22.53 1.62 -18.93
N TRP B 60 -23.03 2.06 -17.79
CA TRP B 60 -22.26 2.89 -16.87
C TRP B 60 -21.02 2.18 -16.24
N ARG B 61 -21.11 0.87 -15.99
CA ARG B 61 -20.01 0.12 -15.35
C ARG B 61 -18.80 -0.06 -16.26
N GLU B 62 -19.07 -0.29 -17.54
CA GLU B 62 -18.05 -0.46 -18.55
C GLU B 62 -17.38 0.88 -18.90
N HIS B 63 -18.14 1.98 -18.82
CA HIS B 63 -17.62 3.33 -19.06
C HIS B 63 -16.66 3.69 -17.93
N TYR B 64 -17.13 3.52 -16.70
CA TYR B 64 -16.32 3.77 -15.50
C TYR B 64 -14.98 3.03 -15.57
N ASP B 65 -15.03 1.71 -15.82
CA ASP B 65 -13.83 0.91 -16.11
C ASP B 65 -12.97 1.54 -17.20
N ARG B 66 -13.53 1.69 -18.40
CA ARG B 66 -12.84 2.26 -19.58
C ARG B 66 -12.21 3.64 -19.37
N ALA B 67 -12.94 4.55 -18.70
CA ALA B 67 -12.45 5.91 -18.44
C ALA B 67 -11.48 5.92 -17.26
N GLY B 68 -11.40 4.79 -16.56
CA GLY B 68 -10.57 4.65 -15.38
C GLY B 68 -11.04 5.50 -14.20
N TYR B 69 -12.35 5.54 -14.00
CA TYR B 69 -12.90 6.50 -13.02
C TYR B 69 -12.43 6.23 -11.60
N ALA B 70 -11.96 5.01 -11.37
CA ALA B 70 -11.43 4.57 -10.10
C ALA B 70 -10.34 5.53 -9.61
N ARG B 71 -9.54 6.03 -10.52
CA ARG B 71 -8.54 7.02 -10.16
C ARG B 71 -9.13 8.45 -9.95
N VAL B 72 -10.39 8.67 -10.32
CA VAL B 72 -10.94 10.02 -10.34
C VAL B 72 -11.95 10.17 -9.21
N ASP B 73 -12.77 9.12 -9.07
CA ASP B 73 -13.91 8.99 -8.17
C ASP B 73 -13.53 9.26 -6.70
N PRO B 74 -14.08 10.34 -6.10
CA PRO B 74 -13.72 10.73 -4.69
C PRO B 74 -14.11 9.69 -3.65
N THR B 75 -15.07 8.85 -3.97
CA THR B 75 -15.47 7.86 -2.98
C THR B 75 -14.39 6.76 -2.83
N VAL B 76 -13.72 6.42 -3.94
CA VAL B 76 -12.71 5.37 -3.95
C VAL B 76 -11.53 5.76 -3.06
N SER B 77 -11.00 6.97 -3.24
CA SER B 77 -9.93 7.42 -2.33
C SER B 77 -10.41 7.56 -0.86
N HIS B 78 -11.61 8.08 -0.65
CA HIS B 78 -12.20 8.08 0.68
C HIS B 78 -12.22 6.68 1.35
N CYS B 79 -12.76 5.67 0.67
CA CYS B 79 -12.81 4.29 1.19
C CYS B 79 -11.47 3.70 1.65
N THR B 80 -10.41 4.12 0.97
CA THR B 80 -9.04 3.77 1.21
C THR B 80 -8.48 4.44 2.48
N GLN B 81 -9.13 5.50 2.98
CA GLN B 81 -8.62 6.25 4.15
C GLN B 81 -9.56 6.20 5.37
N SER B 82 -10.75 5.64 5.20
CA SER B 82 -11.78 5.75 6.24
C SER B 82 -12.72 4.53 6.32
N VAL B 83 -13.33 4.35 7.49
CA VAL B 83 -14.43 3.38 7.67
C VAL B 83 -15.83 4.05 7.74
N LEU B 84 -15.86 5.38 7.58
CA LEU B 84 -17.09 6.21 7.73
C LEU B 84 -17.71 6.52 6.40
N PRO B 85 -19.06 6.55 6.30
CA PRO B 85 -19.71 6.84 5.00
C PRO B 85 -19.31 8.21 4.43
N ILE B 86 -19.29 8.30 3.11
CA ILE B 86 -19.14 9.57 2.39
C ILE B 86 -20.47 9.75 1.67
N PHE B 87 -21.14 10.86 1.93
CA PHE B 87 -22.39 11.18 1.26
C PHE B 87 -22.05 11.90 -0.03
N TRP B 88 -22.79 11.61 -1.09
CA TRP B 88 -22.59 12.28 -2.38
C TRP B 88 -23.21 13.70 -2.35
N GLU B 89 -22.35 14.70 -2.23
CA GLU B 89 -22.74 16.12 -2.26
C GLU B 89 -21.81 16.67 -3.34
N PRO B 90 -22.19 17.79 -4.01
CA PRO B 90 -21.33 18.47 -5.02
C PRO B 90 -19.86 18.72 -4.60
N SER B 91 -19.60 19.00 -3.33
CA SER B 91 -18.27 19.43 -2.84
C SER B 91 -17.20 18.34 -2.74
N ILE B 92 -17.61 17.07 -2.83
CA ILE B 92 -16.64 16.00 -2.89
C ILE B 92 -15.97 15.96 -4.29
N TYR B 93 -16.58 16.61 -5.29
CA TYR B 93 -16.04 16.57 -6.65
C TYR B 93 -15.29 17.85 -6.90
N GLN B 94 -13.96 17.78 -7.06
CA GLN B 94 -13.08 18.99 -6.97
C GLN B 94 -12.35 19.38 -8.24
N THR B 95 -11.70 18.42 -8.85
CA THR B 95 -10.94 18.66 -10.07
C THR B 95 -11.97 18.78 -11.18
N ARG B 96 -11.59 19.36 -12.31
CA ARG B 96 -12.47 19.43 -13.46
C ARG B 96 -12.84 18.01 -13.91
N LYS B 97 -11.86 17.11 -13.83
CA LYS B 97 -12.06 15.71 -14.16
C LYS B 97 -13.10 15.03 -13.24
N GLN B 98 -13.04 15.35 -11.95
CA GLN B 98 -14.08 14.93 -11.00
C GLN B 98 -15.48 15.53 -11.33
N HIS B 99 -15.51 16.78 -11.79
CA HIS B 99 -16.75 17.43 -12.25
C HIS B 99 -17.41 16.65 -13.38
N GLU B 100 -16.66 16.36 -14.43
CA GLU B 100 -17.18 15.57 -15.55
C GLU B 100 -17.80 14.22 -15.08
N PHE B 101 -17.14 13.58 -14.15
CA PHE B 101 -17.54 12.27 -13.67
C PHE B 101 -18.86 12.38 -12.91
N PHE B 102 -18.98 13.45 -12.14
CA PHE B 102 -20.23 13.85 -11.49
C PHE B 102 -21.39 13.97 -12.50
N GLU B 103 -21.17 14.73 -13.57
CA GLU B 103 -22.15 14.90 -14.67
C GLU B 103 -22.63 13.54 -15.20
N GLU B 104 -21.68 12.67 -15.53
CA GLU B 104 -22.00 11.35 -16.04
C GLU B 104 -22.66 10.44 -15.03
N ALA B 105 -22.14 10.45 -13.79
CA ALA B 105 -22.78 9.77 -12.66
C ALA B 105 -24.25 10.19 -12.58
N SER B 106 -24.50 11.50 -12.55
CA SER B 106 -25.87 12.04 -12.44
C SER B 106 -26.74 11.57 -13.59
N ALA B 107 -26.28 11.80 -14.82
CA ALA B 107 -26.93 11.30 -16.05
C ALA B 107 -27.23 9.81 -16.00
N ALA B 108 -26.41 9.06 -15.25
CA ALA B 108 -26.68 7.66 -15.01
C ALA B 108 -27.59 7.53 -13.79
N GLY B 109 -27.99 8.66 -13.20
CA GLY B 109 -28.95 8.62 -12.09
C GLY B 109 -28.36 8.44 -10.71
N LEU B 110 -27.05 8.64 -10.57
CA LEU B 110 -26.47 8.71 -9.23
C LEU B 110 -26.31 10.16 -8.71
N VAL B 111 -27.32 10.69 -8.04
CA VAL B 111 -27.20 12.06 -7.58
C VAL B 111 -27.17 12.17 -6.05
N TYR B 112 -28.15 11.59 -5.37
CA TYR B 112 -28.16 11.56 -3.91
C TYR B 112 -27.83 10.15 -3.40
N GLY B 113 -27.03 10.09 -2.35
CA GLY B 113 -26.76 8.82 -1.73
C GLY B 113 -25.53 8.86 -0.87
N LEU B 114 -24.97 7.66 -0.67
CA LEU B 114 -23.77 7.48 0.12
C LEU B 114 -23.03 6.18 -0.25
N THR B 115 -21.74 6.19 0.05
CA THR B 115 -20.93 5.02 -0.06
C THR B 115 -20.42 4.65 1.34
N MET B 116 -20.61 3.42 1.74
CA MET B 116 -20.04 2.89 2.99
C MET B 116 -18.78 2.11 2.66
N PRO B 117 -17.63 2.57 3.16
CA PRO B 117 -16.39 1.75 2.93
C PRO B 117 -16.45 0.39 3.60
N LEU B 118 -15.74 -0.55 2.99
CA LEU B 118 -15.61 -1.88 3.59
C LEU B 118 -14.15 -2.33 3.78
N HIS B 119 -13.86 -2.72 5.00
CA HIS B 119 -12.57 -3.27 5.39
C HIS B 119 -12.76 -4.55 6.21
N GLY B 120 -12.57 -5.69 5.56
CA GLY B 120 -12.82 -7.00 6.14
C GLY B 120 -11.65 -7.41 6.99
N ALA B 121 -11.82 -8.52 7.70
CA ALA B 121 -10.78 -9.02 8.58
C ALA B 121 -9.53 -9.55 7.84
N ARG B 122 -9.67 -9.95 6.56
CA ARG B 122 -8.51 -10.46 5.77
C ARG B 122 -7.99 -9.38 4.79
N GLY B 123 -8.05 -8.10 5.19
CA GLY B 123 -7.60 -7.00 4.30
C GLY B 123 -8.46 -6.68 3.08
N GLU B 124 -9.60 -7.35 2.95
CA GLU B 124 -10.55 -6.98 1.87
C GLU B 124 -10.83 -5.47 1.92
N LEU B 125 -10.89 -4.87 0.75
CA LEU B 125 -11.11 -3.46 0.61
C LEU B 125 -12.37 -3.33 -0.23
N GLY B 126 -13.33 -2.53 0.21
CA GLY B 126 -14.55 -2.45 -0.61
C GLY B 126 -15.40 -1.24 -0.42
N ALA B 127 -16.56 -1.27 -1.05
CA ALA B 127 -17.56 -0.22 -0.86
C ALA B 127 -18.96 -0.76 -1.04
N LEU B 128 -19.89 -0.30 -0.18
CA LEU B 128 -21.34 -0.42 -0.43
C LEU B 128 -21.93 0.96 -0.80
N SER B 129 -22.35 1.08 -2.06
CA SER B 129 -22.90 2.35 -2.56
C SER B 129 -24.39 2.24 -2.77
N LEU B 130 -25.10 3.30 -2.40
CA LEU B 130 -26.56 3.31 -2.41
C LEU B 130 -27.11 4.70 -2.75
N SER B 131 -27.88 4.77 -3.85
CA SER B 131 -28.69 5.91 -4.25
C SER B 131 -29.96 6.09 -3.49
N VAL B 132 -30.42 7.34 -3.47
CA VAL B 132 -31.69 7.73 -2.88
C VAL B 132 -32.48 8.49 -3.92
N GLU B 133 -33.76 8.17 -4.03
CA GLU B 133 -34.68 8.87 -4.93
C GLU B 133 -35.40 9.93 -4.12
N ALA B 134 -35.11 11.19 -4.43
CA ALA B 134 -35.78 12.30 -3.76
C ALA B 134 -35.89 13.52 -4.66
N GLU B 135 -36.90 14.33 -4.40
CA GLU B 135 -37.03 15.58 -5.15
C GLU B 135 -36.13 16.71 -4.63
N ASN B 136 -35.24 16.40 -3.67
CA ASN B 136 -34.10 17.26 -3.29
C ASN B 136 -33.32 16.82 -2.04
N ARG B 137 -32.17 17.48 -1.85
CA ARG B 137 -31.16 17.11 -0.85
C ARG B 137 -31.69 16.95 0.57
N ALA B 138 -32.32 17.98 1.09
CA ALA B 138 -32.98 17.92 2.41
C ALA B 138 -33.77 16.63 2.68
N GLU B 139 -34.69 16.30 1.79
CA GLU B 139 -35.54 15.11 1.90
C GLU B 139 -34.67 13.85 1.79
N ALA B 140 -33.66 13.90 0.92
CA ALA B 140 -32.75 12.78 0.77
C ALA B 140 -31.97 12.60 2.06
N ASN B 141 -31.56 13.71 2.68
CA ASN B 141 -30.84 13.65 3.94
C ASN B 141 -31.71 13.23 5.10
N ARG B 142 -32.93 13.77 5.17
CA ARG B 142 -33.90 13.33 6.17
C ARG B 142 -33.99 11.82 6.09
N PHE B 143 -34.12 11.28 4.88
CA PHE B 143 -34.25 9.83 4.68
C PHE B 143 -32.99 9.05 5.12
N MET B 144 -31.84 9.41 4.56
CA MET B 144 -30.61 8.79 4.95
C MET B 144 -30.34 8.80 6.45
N GLU B 145 -30.64 9.90 7.12
CA GLU B 145 -30.49 9.93 8.58
C GLU B 145 -31.42 8.93 9.27
N SER B 146 -32.60 8.70 8.71
CA SER B 146 -33.58 7.80 9.30
C SER B 146 -33.18 6.30 9.20
N VAL B 147 -32.27 5.96 8.30
CA VAL B 147 -31.97 4.55 8.06
C VAL B 147 -30.51 4.25 8.36
N LEU B 148 -29.72 5.26 8.70
CA LEU B 148 -28.32 5.07 8.90
C LEU B 148 -27.98 3.99 9.94
N PRO B 149 -28.77 3.91 11.01
CA PRO B 149 -28.29 2.87 11.93
C PRO B 149 -28.52 1.43 11.41
N THR B 150 -29.59 1.21 10.67
CA THR B 150 -29.87 -0.09 10.12
C THR B 150 -28.79 -0.45 9.10
N LEU B 151 -28.48 0.52 8.25
CA LEU B 151 -27.56 0.35 7.18
C LEU B 151 -26.11 0.03 7.64
N TRP B 152 -25.71 0.62 8.75
CA TRP B 152 -24.42 0.42 9.34
C TRP B 152 -24.24 -1.07 9.79
N MET B 153 -25.32 -1.68 10.25
CA MET B 153 -25.29 -3.09 10.52
C MET B 153 -25.26 -3.89 9.21
N LEU B 154 -26.13 -3.52 8.27
CA LEU B 154 -26.19 -4.16 6.99
C LEU B 154 -24.82 -4.26 6.32
N LYS B 155 -24.07 -3.16 6.29
CA LYS B 155 -22.85 -3.17 5.48
C LYS B 155 -21.82 -4.15 6.06
N ASP B 156 -21.85 -4.26 7.39
CA ASP B 156 -20.98 -5.16 8.14
C ASP B 156 -21.42 -6.62 7.92
N TYR B 157 -22.71 -6.92 7.99
CA TYR B 157 -23.14 -8.23 7.57
C TYR B 157 -22.86 -8.54 6.08
N ALA B 158 -23.05 -7.56 5.19
CA ALA B 158 -22.69 -7.71 3.82
C ALA B 158 -21.21 -7.99 3.64
N LEU B 159 -20.37 -7.28 4.39
CA LEU B 159 -18.95 -7.44 4.23
C LEU B 159 -18.52 -8.87 4.63
N GLN B 160 -19.03 -9.35 5.77
CA GLN B 160 -18.61 -10.63 6.33
C GLN B 160 -19.09 -11.82 5.51
N SER B 161 -20.31 -11.76 4.99
CA SER B 161 -20.81 -12.88 4.20
C SER B 161 -20.21 -12.77 2.78
N GLY B 162 -20.21 -11.56 2.24
CA GLY B 162 -19.66 -11.26 0.95
C GLY B 162 -18.20 -11.60 0.76
N ALA B 163 -17.36 -11.29 1.75
CA ALA B 163 -15.94 -11.60 1.66
C ALA B 163 -15.76 -13.11 1.44
N GLY B 164 -16.52 -13.92 2.16
CA GLY B 164 -16.38 -15.36 2.14
C GLY B 164 -16.82 -16.05 0.86
N LEU B 165 -17.58 -15.36 0.01
CA LEU B 165 -17.96 -15.98 -1.24
C LEU B 165 -17.28 -15.35 -2.46
N ALA B 166 -16.71 -14.17 -2.26
CA ALA B 166 -15.83 -13.60 -3.27
C ALA B 166 -14.47 -14.24 -2.99
N VAL C 4 -27.80 8.39 21.64
CA VAL C 4 -26.82 9.42 22.11
C VAL C 4 -26.17 10.27 20.97
N ASP C 5 -26.04 11.57 21.21
CA ASP C 5 -25.30 12.50 20.33
C ASP C 5 -23.87 12.53 20.86
N GLY C 6 -22.94 13.05 20.06
CA GLY C 6 -21.53 13.01 20.43
C GLY C 6 -20.60 12.49 19.36
N PHE C 7 -21.18 11.94 18.28
CA PHE C 7 -20.42 11.31 17.18
C PHE C 7 -19.45 12.24 16.51
N LEU C 8 -19.89 13.45 16.26
CA LEU C 8 -19.07 14.44 15.60
C LEU C 8 -17.91 14.91 16.49
N GLU C 9 -18.18 15.10 17.79
CA GLU C 9 -17.15 15.54 18.74
C GLU C 9 -16.08 14.46 18.82
N LEU C 10 -16.54 13.21 18.83
CA LEU C 10 -15.65 12.05 18.85
C LEU C 10 -14.72 12.03 17.64
N GLU C 11 -15.29 12.29 16.45
CA GLU C 11 -14.54 12.31 15.21
C GLU C 11 -13.54 13.48 15.18
N ARG C 12 -13.97 14.67 15.56
CA ARG C 12 -13.12 15.85 15.49
C ARG C 12 -12.24 16.02 16.71
N SER C 13 -12.09 14.93 17.47
CA SER C 13 -11.40 15.00 18.76
C SER C 13 -9.90 15.09 18.58
N SER C 14 -9.25 15.83 19.47
CA SER C 14 -7.93 16.36 19.20
C SER C 14 -6.74 15.81 20.01
N GLY C 15 -6.97 14.91 20.95
CA GLY C 15 -5.89 14.20 21.65
C GLY C 15 -6.39 12.93 22.28
N LYS C 16 -5.48 12.07 22.75
CA LYS C 16 -5.85 10.81 23.39
C LYS C 16 -6.81 11.03 24.54
N LEU C 17 -6.49 11.95 25.44
CA LEU C 17 -7.30 12.16 26.62
C LEU C 17 -8.74 12.56 26.31
N GLU C 18 -8.92 13.49 25.38
CA GLU C 18 -10.23 14.05 25.09
C GLU C 18 -11.10 13.03 24.37
N TRP C 19 -10.50 12.41 23.36
CA TRP C 19 -11.17 11.39 22.56
C TRP C 19 -11.63 10.23 23.45
N SER C 20 -10.71 9.74 24.25
CA SER C 20 -10.95 8.63 25.13
C SER C 20 -12.01 8.98 26.19
N ALA C 21 -11.93 10.19 26.73
CA ALA C 21 -12.99 10.75 27.55
C ALA C 21 -14.33 10.70 26.83
N ILE C 22 -14.37 11.14 25.57
CA ILE C 22 -15.63 11.15 24.83
C ILE C 22 -16.21 9.75 24.60
N LEU C 23 -15.30 8.81 24.28
CA LEU C 23 -15.66 7.45 24.02
C LEU C 23 -16.26 6.82 25.24
N GLN C 24 -15.68 7.12 26.40
CA GLN C 24 -16.15 6.56 27.64
C GLN C 24 -17.47 7.17 28.10
N LYS C 25 -17.63 8.47 27.89
CA LYS C 25 -18.88 9.16 28.25
C LYS C 25 -20.05 8.68 27.37
N MET C 26 -19.79 8.44 26.09
CA MET C 26 -20.82 7.88 25.19
C MET C 26 -21.22 6.42 25.56
N ALA C 27 -20.22 5.57 25.85
CA ALA C 27 -20.52 4.21 26.31
C ALA C 27 -21.30 4.21 27.64
N SER C 28 -20.99 5.17 28.53
CA SER C 28 -21.74 5.34 29.79
C SER C 28 -23.17 5.78 29.59
N ASP C 29 -23.37 6.95 28.98
CA ASP C 29 -24.73 7.41 28.64
C ASP C 29 -25.55 6.33 27.96
N LEU C 30 -24.92 5.45 27.20
CA LEU C 30 -25.64 4.34 26.61
C LEU C 30 -26.08 3.28 27.64
N GLY C 31 -25.39 3.18 28.79
CA GLY C 31 -25.79 2.20 29.79
C GLY C 31 -24.75 1.13 30.10
N PHE C 32 -23.64 1.15 29.37
CA PHE C 32 -22.54 0.26 29.68
C PHE C 32 -21.76 0.81 30.86
N SER C 33 -21.11 -0.03 31.67
CA SER C 33 -20.29 0.53 32.75
C SER C 33 -18.78 0.42 32.51
N LYS C 34 -18.36 -0.67 31.89
CA LYS C 34 -16.96 -0.87 31.65
C LYS C 34 -16.69 -0.90 30.15
N ILE C 35 -15.61 -0.23 29.76
CA ILE C 35 -15.27 -0.09 28.36
C ILE C 35 -13.79 -0.25 28.23
N LEU C 36 -13.39 -1.02 27.22
CA LEU C 36 -12.00 -1.09 26.75
C LEU C 36 -11.92 -0.95 25.22
N PHE C 37 -11.02 -0.09 24.74
CA PHE C 37 -10.79 0.08 23.33
C PHE C 37 -9.32 -0.21 23.14
N GLY C 38 -9.00 -1.16 22.27
CA GLY C 38 -7.64 -1.61 22.03
C GLY C 38 -7.41 -1.67 20.53
N LEU C 39 -6.33 -1.02 20.07
CA LEU C 39 -5.98 -0.97 18.66
C LEU C 39 -4.50 -1.27 18.46
N LEU C 40 -4.22 -2.07 17.42
CA LEU C 40 -2.86 -2.42 16.98
C LEU C 40 -2.62 -1.99 15.54
N PRO C 41 -1.44 -1.41 15.24
CA PRO C 41 -1.00 -1.14 13.86
C PRO C 41 -0.99 -2.38 12.97
N LYS C 42 -0.97 -2.18 11.66
CA LYS C 42 -1.05 -3.28 10.68
C LYS C 42 0.05 -4.33 10.88
N ASP C 43 -0.37 -5.59 10.83
CA ASP C 43 0.49 -6.77 11.03
C ASP C 43 1.09 -6.97 12.43
N SER C 44 0.82 -6.08 13.37
CA SER C 44 1.32 -6.25 14.74
C SER C 44 0.49 -7.27 15.51
N GLN C 45 1.15 -8.27 16.10
CA GLN C 45 0.41 -9.16 17.00
C GLN C 45 0.90 -8.94 18.43
N ASP C 46 1.25 -7.70 18.72
CA ASP C 46 2.00 -7.36 19.92
C ASP C 46 1.06 -6.77 20.96
N TYR C 47 0.16 -7.61 21.46
CA TYR C 47 -0.98 -7.20 22.29
C TYR C 47 -0.67 -6.37 23.53
N GLU C 48 0.59 -6.39 23.95
CA GLU C 48 1.02 -5.62 25.11
C GLU C 48 1.55 -4.24 24.71
N ASN C 49 1.70 -4.00 23.41
CA ASN C 49 2.05 -2.68 22.87
C ASN C 49 0.90 -1.99 22.15
N ALA C 50 -0.26 -2.64 22.16
CA ALA C 50 -1.50 -2.08 21.61
C ALA C 50 -1.90 -0.81 22.35
N PHE C 51 -2.54 0.11 21.64
CA PHE C 51 -3.05 1.35 22.23
C PHE C 51 -4.37 1.04 22.94
N ILE C 52 -4.40 1.21 24.26
CA ILE C 52 -5.52 0.78 25.09
C ILE C 52 -6.01 1.91 25.98
N VAL C 53 -7.29 2.25 25.87
CA VAL C 53 -7.93 3.19 26.81
C VAL C 53 -9.28 2.66 27.34
N GLY C 54 -9.87 3.37 28.29
CA GLY C 54 -11.17 3.01 28.83
C GLY C 54 -11.21 3.02 30.36
N ASN C 55 -11.80 1.98 30.96
CA ASN C 55 -11.90 1.95 32.41
C ASN C 55 -11.90 0.55 33.06
N TYR C 56 -11.31 -0.45 32.41
CA TYR C 56 -11.17 -1.77 33.05
C TYR C 56 -10.31 -1.58 34.31
N PRO C 57 -10.70 -2.21 35.43
CA PRO C 57 -9.88 -2.02 36.63
C PRO C 57 -8.44 -2.38 36.29
N ALA C 58 -7.50 -1.55 36.75
CA ALA C 58 -6.10 -1.65 36.33
C ALA C 58 -5.47 -2.96 36.78
N ALA C 59 -5.94 -3.49 37.92
CA ALA C 59 -5.53 -4.80 38.42
C ALA C 59 -5.96 -5.95 37.49
N TRP C 60 -7.15 -5.86 36.88
CA TRP C 60 -7.51 -6.81 35.82
C TRP C 60 -6.62 -6.66 34.57
N ARG C 61 -6.37 -5.41 34.15
CA ARG C 61 -5.50 -5.14 32.99
C ARG C 61 -4.09 -5.73 33.20
N GLU C 62 -3.53 -5.50 34.39
CA GLU C 62 -2.23 -6.04 34.81
C GLU C 62 -2.17 -7.58 34.68
N HIS C 63 -3.10 -8.24 35.38
CA HIS C 63 -3.26 -9.69 35.31
C HIS C 63 -3.27 -10.16 33.84
N TYR C 64 -4.22 -9.63 33.04
CA TYR C 64 -4.36 -10.00 31.63
C TYR C 64 -3.04 -9.95 30.86
N ASP C 65 -2.34 -8.82 30.96
CA ASP C 65 -1.01 -8.67 30.33
C ASP C 65 -0.13 -9.84 30.78
N ARG C 66 0.07 -9.97 32.09
CA ARG C 66 0.99 -10.97 32.65
C ARG C 66 0.57 -12.43 32.47
N ALA C 67 -0.74 -12.68 32.42
CA ALA C 67 -1.24 -14.05 32.26
C ALA C 67 -1.24 -14.44 30.79
N GLY C 68 -1.07 -13.44 29.93
CA GLY C 68 -0.99 -13.61 28.47
C GLY C 68 -2.31 -14.06 27.88
N TYR C 69 -3.38 -13.36 28.24
CA TYR C 69 -4.72 -13.79 27.87
C TYR C 69 -5.12 -13.48 26.43
N ALA C 70 -4.46 -12.51 25.81
CA ALA C 70 -4.56 -12.27 24.36
C ALA C 70 -4.61 -13.57 23.55
N ARG C 71 -3.80 -14.56 23.95
CA ARG C 71 -3.74 -15.89 23.33
C ARG C 71 -4.86 -16.86 23.78
N VAL C 72 -5.51 -16.54 24.89
CA VAL C 72 -6.61 -17.34 25.42
C VAL C 72 -7.98 -16.72 25.07
N ASP C 73 -8.07 -15.40 25.21
CA ASP C 73 -9.27 -14.61 24.91
C ASP C 73 -9.89 -15.04 23.57
N PRO C 74 -11.13 -15.56 23.61
CA PRO C 74 -11.81 -16.00 22.41
C PRO C 74 -12.39 -14.84 21.65
N THR C 75 -12.39 -13.65 22.28
CA THR C 75 -12.78 -12.44 21.60
C THR C 75 -11.62 -11.94 20.74
N VAL C 76 -10.41 -12.34 21.09
CA VAL C 76 -9.24 -11.94 20.33
C VAL C 76 -9.27 -12.71 19.02
N SER C 77 -9.16 -14.03 19.12
CA SER C 77 -9.35 -14.91 17.97
C SER C 77 -10.52 -14.45 17.04
N HIS C 78 -11.68 -14.15 17.60
CA HIS C 78 -12.84 -13.79 16.79
C HIS C 78 -12.66 -12.50 15.96
N CYS C 79 -12.08 -11.47 16.55
CA CYS C 79 -11.80 -10.20 15.87
C CYS C 79 -10.83 -10.30 14.67
N THR C 80 -10.01 -11.34 14.66
CA THR C 80 -9.12 -11.67 13.56
C THR C 80 -9.85 -12.30 12.35
N GLN C 81 -11.04 -12.83 12.57
CA GLN C 81 -11.76 -13.47 11.46
C GLN C 81 -13.00 -12.73 11.03
N SER C 82 -13.46 -11.77 11.84
CA SER C 82 -14.78 -11.21 11.65
C SER C 82 -14.84 -9.72 11.88
N VAL C 83 -15.75 -9.08 11.18
CA VAL C 83 -16.22 -7.73 11.53
C VAL C 83 -17.47 -7.75 12.41
N LEU C 84 -18.06 -8.92 12.70
CA LEU C 84 -19.34 -8.96 13.49
C LEU C 84 -19.10 -8.96 15.00
N PRO C 85 -20.11 -8.58 15.83
CA PRO C 85 -19.90 -8.66 17.28
C PRO C 85 -19.89 -10.09 17.82
N ILE C 86 -19.19 -10.26 18.94
CA ILE C 86 -19.22 -11.52 19.65
C ILE C 86 -19.75 -11.15 21.02
N PHE C 87 -20.86 -11.77 21.40
CA PHE C 87 -21.45 -11.59 22.72
C PHE C 87 -20.76 -12.50 23.73
N TRP C 88 -20.51 -11.97 24.92
CA TRP C 88 -19.87 -12.77 25.98
C TRP C 88 -20.83 -13.82 26.53
N GLU C 89 -21.06 -14.88 25.74
CA GLU C 89 -21.99 -15.93 26.12
C GLU C 89 -21.16 -17.08 26.64
N PRO C 90 -21.71 -17.84 27.60
CA PRO C 90 -21.15 -19.10 28.07
C PRO C 90 -20.31 -19.88 27.05
N SER C 91 -20.85 -20.10 25.85
CA SER C 91 -20.23 -21.02 24.89
C SER C 91 -19.14 -20.40 24.00
N ILE C 92 -18.81 -19.12 24.22
CA ILE C 92 -17.64 -18.54 23.56
C ILE C 92 -16.35 -19.02 24.23
N TYR C 93 -16.44 -19.54 25.47
CA TYR C 93 -15.26 -20.03 26.19
C TYR C 93 -15.15 -21.55 26.05
N GLN C 94 -14.46 -22.01 25.02
CA GLN C 94 -14.45 -23.45 24.69
C GLN C 94 -13.53 -24.25 25.59
N THR C 95 -12.23 -23.97 25.53
CA THR C 95 -11.20 -24.81 26.18
C THR C 95 -11.17 -24.61 27.69
N ARG C 96 -10.36 -25.44 28.36
CA ARG C 96 -10.09 -25.35 29.79
C ARG C 96 -9.53 -23.98 30.16
N LYS C 97 -8.48 -23.57 29.44
CA LYS C 97 -7.80 -22.30 29.66
C LYS C 97 -8.74 -21.09 29.50
N GLN C 98 -9.74 -21.24 28.64
CA GLN C 98 -10.76 -20.22 28.43
C GLN C 98 -11.82 -20.26 29.52
N HIS C 99 -12.05 -21.45 30.07
CA HIS C 99 -12.97 -21.63 31.20
C HIS C 99 -12.42 -20.84 32.36
N GLU C 100 -11.11 -20.99 32.54
CA GLU C 100 -10.36 -20.33 33.62
C GLU C 100 -10.30 -18.82 33.39
N PHE C 101 -10.08 -18.41 32.13
CA PHE C 101 -10.19 -17.01 31.73
C PHE C 101 -11.57 -16.45 32.09
N PHE C 102 -12.64 -17.15 31.70
CA PHE C 102 -14.01 -16.72 32.00
C PHE C 102 -14.22 -16.56 33.49
N GLU C 103 -13.80 -17.58 34.25
CA GLU C 103 -13.95 -17.54 35.70
C GLU C 103 -13.24 -16.31 36.28
N GLU C 104 -12.08 -15.96 35.73
CA GLU C 104 -11.32 -14.83 36.27
C GLU C 104 -11.88 -13.47 35.87
N ALA C 105 -12.40 -13.37 34.63
CA ALA C 105 -13.07 -12.15 34.21
C ALA C 105 -14.34 -11.92 35.01
N SER C 106 -15.08 -13.00 35.29
CA SER C 106 -16.26 -12.97 36.17
C SER C 106 -15.90 -12.28 37.45
N ALA C 107 -14.91 -12.83 38.14
CA ALA C 107 -14.42 -12.28 39.41
C ALA C 107 -13.87 -10.84 39.30
N ALA C 108 -13.47 -10.40 38.11
CA ALA C 108 -13.04 -9.02 37.98
C ALA C 108 -14.20 -8.12 37.51
N GLY C 109 -15.41 -8.68 37.49
CA GLY C 109 -16.63 -7.90 37.23
C GLY C 109 -17.03 -7.80 35.78
N LEU C 110 -16.49 -8.71 34.96
CA LEU C 110 -16.78 -8.73 33.54
C LEU C 110 -17.47 -10.04 33.20
N VAL C 111 -18.80 -10.02 33.20
CA VAL C 111 -19.56 -11.22 32.90
C VAL C 111 -20.54 -11.00 31.76
N TYR C 112 -21.23 -9.86 31.73
CA TYR C 112 -22.09 -9.55 30.57
C TYR C 112 -21.58 -8.43 29.72
N GLY C 113 -21.47 -8.73 28.43
CA GLY C 113 -21.23 -7.69 27.47
C GLY C 113 -20.93 -8.18 26.08
N LEU C 114 -20.20 -7.36 25.33
CA LEU C 114 -19.79 -7.74 23.99
C LEU C 114 -18.55 -7.01 23.51
N THR C 115 -18.00 -7.57 22.47
CA THR C 115 -16.83 -7.04 21.84
C THR C 115 -17.17 -6.77 20.36
N MET C 116 -16.72 -5.64 19.85
CA MET C 116 -16.91 -5.34 18.45
C MET C 116 -15.53 -5.31 17.80
N PRO C 117 -15.30 -6.17 16.82
CA PRO C 117 -13.98 -6.15 16.20
C PRO C 117 -13.79 -4.80 15.48
N LEU C 118 -12.55 -4.37 15.30
CA LEU C 118 -12.22 -3.12 14.66
C LEU C 118 -11.23 -3.40 13.54
N HIS C 119 -11.57 -2.95 12.33
CA HIS C 119 -10.69 -3.06 11.20
C HIS C 119 -10.57 -1.76 10.48
N GLY C 120 -9.41 -1.13 10.66
CA GLY C 120 -9.15 0.19 10.08
C GLY C 120 -8.78 0.20 8.63
N ALA C 121 -8.84 1.38 8.03
CA ALA C 121 -8.48 1.57 6.62
C ALA C 121 -6.98 1.31 6.30
N ARG C 122 -6.10 1.47 7.29
CA ARG C 122 -4.64 1.17 7.11
C ARG C 122 -4.24 -0.20 7.67
N GLY C 123 -5.22 -1.08 7.80
CA GLY C 123 -4.98 -2.42 8.32
C GLY C 123 -4.86 -2.52 9.83
N GLU C 124 -5.26 -1.49 10.55
CA GLU C 124 -5.35 -1.60 12.01
C GLU C 124 -6.30 -2.75 12.43
N LEU C 125 -6.05 -3.24 13.63
CA LEU C 125 -6.76 -4.38 14.17
C LEU C 125 -7.00 -4.13 15.65
N GLY C 126 -8.23 -4.37 16.11
CA GLY C 126 -8.62 -3.96 17.46
C GLY C 126 -9.99 -4.43 17.91
N ALA C 127 -10.40 -3.95 19.08
CA ALA C 127 -11.64 -4.38 19.71
C ALA C 127 -12.18 -3.23 20.53
N LEU C 128 -13.49 -3.04 20.45
CA LEU C 128 -14.17 -2.22 21.44
C LEU C 128 -14.97 -3.22 22.24
N SER C 129 -14.67 -3.32 23.52
CA SER C 129 -15.36 -4.23 24.41
C SER C 129 -16.17 -3.42 25.40
N LEU C 130 -17.38 -3.88 25.67
CA LEU C 130 -18.32 -3.14 26.49
C LEU C 130 -19.06 -4.06 27.42
N SER C 131 -19.03 -3.71 28.71
CA SER C 131 -19.61 -4.54 29.71
C SER C 131 -20.86 -3.89 30.23
N VAL C 132 -21.75 -4.74 30.73
CA VAL C 132 -23.08 -4.34 31.14
C VAL C 132 -23.29 -4.90 32.53
N GLU C 133 -23.64 -4.01 33.44
CA GLU C 133 -24.08 -4.45 34.74
C GLU C 133 -25.56 -4.83 34.73
N ALA C 134 -25.83 -6.10 34.95
CA ALA C 134 -27.20 -6.60 34.92
C ALA C 134 -27.40 -7.69 35.98
N GLU C 135 -28.64 -7.85 36.44
CA GLU C 135 -28.93 -8.89 37.41
C GLU C 135 -28.85 -10.29 36.78
N ASN C 136 -28.93 -10.36 35.45
CA ASN C 136 -28.90 -11.66 34.74
C ASN C 136 -28.82 -11.51 33.23
N ARG C 137 -28.54 -12.61 32.55
CA ARG C 137 -28.22 -12.63 31.14
C ARG C 137 -29.37 -12.19 30.24
N ALA C 138 -30.58 -12.60 30.62
CA ALA C 138 -31.80 -12.28 29.91
C ALA C 138 -32.06 -10.77 29.89
N GLU C 139 -31.85 -10.10 31.02
CA GLU C 139 -31.89 -8.63 31.08
C GLU C 139 -30.70 -7.98 30.37
N ALA C 140 -29.55 -8.65 30.41
CA ALA C 140 -28.37 -8.14 29.72
C ALA C 140 -28.58 -8.19 28.21
N ASN C 141 -29.07 -9.32 27.71
CA ASN C 141 -29.37 -9.46 26.27
C ASN C 141 -30.32 -8.40 25.76
N ARG C 142 -31.51 -8.28 26.37
CA ARG C 142 -32.48 -7.26 25.95
C ARG C 142 -31.93 -5.85 25.96
N PHE C 143 -31.14 -5.51 26.96
CA PHE C 143 -30.55 -4.18 27.02
C PHE C 143 -29.60 -3.97 25.83
N MET C 144 -28.75 -4.96 25.57
CA MET C 144 -27.77 -4.88 24.50
C MET C 144 -28.45 -4.87 23.11
N GLU C 145 -29.46 -5.72 22.92
CA GLU C 145 -30.26 -5.70 21.69
C GLU C 145 -30.73 -4.28 21.38
N SER C 146 -31.18 -3.56 22.41
CA SER C 146 -31.74 -2.22 22.23
C SER C 146 -30.72 -1.13 21.92
N VAL C 147 -29.44 -1.35 22.17
CA VAL C 147 -28.46 -0.27 21.91
C VAL C 147 -27.56 -0.65 20.77
N LEU C 148 -27.76 -1.84 20.23
CA LEU C 148 -26.81 -2.45 19.32
C LEU C 148 -26.61 -1.56 18.08
N PRO C 149 -27.70 -1.02 17.50
CA PRO C 149 -27.51 -0.15 16.32
C PRO C 149 -26.64 1.09 16.58
N THR C 150 -26.78 1.71 17.75
CA THR C 150 -26.05 2.95 18.09
C THR C 150 -24.60 2.60 18.22
N LEU C 151 -24.40 1.48 18.91
CA LEU C 151 -23.11 0.89 19.18
C LEU C 151 -22.35 0.48 17.90
N TRP C 152 -23.05 -0.10 16.95
CA TRP C 152 -22.43 -0.46 15.70
C TRP C 152 -21.83 0.77 14.98
N MET C 153 -22.58 1.89 14.98
CA MET C 153 -22.03 3.15 14.46
C MET C 153 -20.83 3.61 15.27
N LEU C 154 -20.96 3.50 16.59
CA LEU C 154 -20.00 4.04 17.54
C LEU C 154 -18.62 3.42 17.35
N LYS C 155 -18.56 2.10 17.18
CA LYS C 155 -17.25 1.43 17.04
C LYS C 155 -16.49 1.89 15.83
N ASP C 156 -17.20 2.20 14.75
CA ASP C 156 -16.57 2.73 13.54
C ASP C 156 -16.13 4.19 13.67
N TYR C 157 -16.97 5.05 14.25
CA TYR C 157 -16.57 6.43 14.54
C TYR C 157 -15.41 6.48 15.50
N ALA C 158 -15.41 5.53 16.43
CA ALA C 158 -14.33 5.35 17.39
C ALA C 158 -13.08 4.81 16.75
N LEU C 159 -13.20 3.82 15.88
CA LEU C 159 -12.06 3.30 15.15
C LEU C 159 -11.43 4.40 14.26
N GLN C 160 -12.24 5.01 13.39
CA GLN C 160 -11.72 6.07 12.54
C GLN C 160 -10.94 7.15 13.30
N SER C 161 -11.48 7.69 14.37
CA SER C 161 -10.81 8.79 15.06
C SER C 161 -9.76 8.26 15.99
N GLY C 162 -9.96 7.04 16.47
CA GLY C 162 -9.03 6.43 17.42
C GLY C 162 -7.73 6.23 16.72
N ALA C 163 -7.80 5.59 15.56
CA ALA C 163 -6.64 5.36 14.72
C ALA C 163 -5.86 6.62 14.48
N GLY C 164 -6.55 7.69 14.09
CA GLY C 164 -5.88 8.90 13.61
C GLY C 164 -5.17 9.67 14.70
N LEU C 165 -5.14 9.11 15.90
CA LEU C 165 -4.37 9.76 16.93
C LEU C 165 -3.56 8.77 17.74
N ALA C 166 -3.63 7.49 17.38
CA ALA C 166 -2.80 6.47 18.02
C ALA C 166 -1.54 6.20 17.21
N ASP D 5 27.29 31.30 -3.08
CA ASP D 5 28.68 30.83 -2.83
C ASP D 5 28.94 30.41 -1.38
N GLY D 6 29.87 29.45 -1.29
CA GLY D 6 30.19 28.81 -0.06
C GLY D 6 29.99 27.32 -0.12
N PHE D 7 29.44 26.80 -1.24
CA PHE D 7 29.18 25.34 -1.30
C PHE D 7 30.47 24.60 -1.11
N LEU D 8 31.52 25.03 -1.80
CA LEU D 8 32.78 24.31 -1.68
C LEU D 8 33.45 24.48 -0.31
N GLU D 9 33.39 25.70 0.24
CA GLU D 9 33.90 25.95 1.59
C GLU D 9 33.21 25.03 2.56
N LEU D 10 31.92 24.84 2.33
CA LEU D 10 31.13 24.02 3.20
C LEU D 10 31.59 22.60 2.99
N GLU D 11 31.63 22.21 1.71
CA GLU D 11 31.91 20.84 1.34
C GLU D 11 33.33 20.43 1.81
N ARG D 12 34.27 21.38 1.82
CA ARG D 12 35.64 21.08 2.26
C ARG D 12 35.94 21.55 3.69
N SER D 13 34.93 21.58 4.55
CA SER D 13 35.14 22.06 5.90
C SER D 13 35.61 20.93 6.82
N SER D 14 36.58 21.26 7.68
CA SER D 14 37.30 20.24 8.41
C SER D 14 36.89 20.06 9.88
N GLY D 15 35.94 20.87 10.35
CA GLY D 15 35.45 20.78 11.73
C GLY D 15 33.98 21.10 11.88
N LYS D 16 33.35 20.60 12.95
CA LYS D 16 31.94 20.91 13.27
C LYS D 16 31.66 22.40 13.45
N LEU D 17 32.55 23.09 14.15
CA LEU D 17 32.31 24.49 14.45
C LEU D 17 32.33 25.32 13.18
N GLU D 18 33.37 25.15 12.37
CA GLU D 18 33.50 25.85 11.10
C GLU D 18 32.41 25.47 10.11
N TRP D 19 32.09 24.18 10.05
CA TRP D 19 31.18 23.69 9.08
C TRP D 19 29.86 24.38 9.36
N SER D 20 29.39 24.29 10.59
CA SER D 20 28.10 24.85 10.93
C SER D 20 28.12 26.36 10.74
N ALA D 21 29.25 26.98 11.08
CA ALA D 21 29.39 28.43 10.91
C ALA D 21 29.16 28.78 9.45
N ILE D 22 29.82 28.05 8.55
CA ILE D 22 29.60 28.26 7.12
C ILE D 22 28.13 27.97 6.74
N LEU D 23 27.57 26.84 7.16
CA LEU D 23 26.13 26.55 6.89
C LEU D 23 25.22 27.70 7.34
N GLN D 24 25.44 28.16 8.59
CA GLN D 24 24.70 29.25 9.16
C GLN D 24 24.89 30.53 8.38
N LYS D 25 26.12 30.86 8.05
CA LYS D 25 26.36 32.05 7.26
C LYS D 25 25.59 32.01 5.92
N MET D 26 25.71 30.91 5.20
CA MET D 26 25.02 30.69 3.91
C MET D 26 23.49 30.85 3.99
N ALA D 27 22.88 30.30 5.03
CA ALA D 27 21.47 30.59 5.33
C ALA D 27 21.14 32.09 5.53
N SER D 28 21.96 32.84 6.33
CA SER D 28 21.75 34.29 6.55
C SER D 28 21.87 35.03 5.27
N ASP D 29 22.98 34.80 4.56
CA ASP D 29 23.24 35.45 3.25
C ASP D 29 22.09 35.17 2.32
N LEU D 30 21.52 33.98 2.39
CA LEU D 30 20.38 33.65 1.55
C LEU D 30 19.16 34.41 2.04
N GLY D 31 19.23 34.99 3.23
CA GLY D 31 18.12 35.77 3.78
C GLY D 31 17.22 35.06 4.79
N PHE D 32 17.62 33.90 5.32
CA PHE D 32 16.86 33.30 6.38
C PHE D 32 17.38 33.85 7.71
N SER D 33 16.64 33.70 8.78
CA SER D 33 17.02 34.33 10.04
C SER D 33 17.61 33.26 11.01
N LYS D 34 16.79 32.25 11.32
CA LYS D 34 17.17 31.21 12.25
C LYS D 34 17.24 29.96 11.48
N ILE D 35 18.16 29.09 11.89
CA ILE D 35 18.47 27.84 11.21
C ILE D 35 18.67 26.72 12.25
N LEU D 36 18.10 25.56 11.94
CA LEU D 36 18.40 24.33 12.65
C LEU D 36 18.68 23.19 11.64
N PHE D 37 19.82 22.55 11.84
CA PHE D 37 20.20 21.36 11.09
C PHE D 37 20.27 20.22 12.10
N GLY D 38 19.37 19.25 11.95
CA GLY D 38 19.27 18.13 12.88
C GLY D 38 19.43 16.86 12.08
N LEU D 39 20.24 15.96 12.59
CA LEU D 39 20.49 14.72 11.83
C LEU D 39 20.64 13.52 12.74
N LEU D 40 19.96 12.43 12.35
CA LEU D 40 19.96 11.15 13.05
C LEU D 40 20.55 10.04 12.18
N PRO D 41 21.45 9.20 12.75
CA PRO D 41 22.00 8.02 12.07
C PRO D 41 20.96 6.95 11.68
N LYS D 42 21.33 6.10 10.72
CA LYS D 42 20.53 4.92 10.36
C LYS D 42 19.97 4.14 11.58
N ASP D 43 18.64 3.95 11.54
CA ASP D 43 17.87 3.24 12.56
C ASP D 43 17.97 3.89 13.94
N SER D 44 17.79 5.20 13.97
CA SER D 44 17.75 5.91 15.23
C SER D 44 16.59 6.90 15.18
N GLN D 45 15.79 6.84 16.23
CA GLN D 45 14.61 7.66 16.40
C GLN D 45 14.72 8.20 17.84
N ASP D 46 15.85 8.84 18.10
CA ASP D 46 16.25 9.28 19.42
C ASP D 46 16.64 10.76 19.36
N TYR D 47 15.62 11.61 19.21
CA TYR D 47 15.77 13.05 18.95
C TYR D 47 16.49 13.82 20.05
N GLU D 48 16.61 13.22 21.23
CA GLU D 48 17.41 13.78 22.32
C GLU D 48 18.87 13.84 21.93
N ASN D 49 19.31 12.85 21.16
CA ASN D 49 20.73 12.70 20.81
C ASN D 49 21.07 12.89 19.32
N ALA D 50 20.19 13.54 18.58
CA ALA D 50 20.46 13.81 17.18
C ALA D 50 21.59 14.82 17.08
N PHE D 51 22.37 14.73 16.02
CA PHE D 51 23.35 15.75 15.72
C PHE D 51 22.63 17.09 15.40
N ILE D 52 22.82 18.08 16.24
CA ILE D 52 22.09 19.33 16.08
C ILE D 52 22.99 20.60 16.15
N VAL D 53 22.98 21.39 15.08
CA VAL D 53 23.71 22.67 15.02
C VAL D 53 22.80 23.81 14.55
N GLY D 54 23.11 25.02 14.99
CA GLY D 54 22.33 26.11 14.49
C GLY D 54 22.22 27.20 15.51
N ASN D 55 21.23 28.07 15.36
CA ASN D 55 21.18 29.29 16.12
C ASN D 55 19.77 29.56 16.63
N TYR D 56 18.96 28.51 16.78
CA TYR D 56 17.70 28.64 17.50
C TYR D 56 18.06 29.09 18.91
N PRO D 57 17.22 29.94 19.53
CA PRO D 57 17.57 30.33 20.91
C PRO D 57 17.72 29.11 21.83
N ALA D 58 18.72 29.19 22.72
CA ALA D 58 19.06 28.11 23.65
C ALA D 58 17.84 27.73 24.47
N ALA D 59 17.20 28.77 25.04
CA ALA D 59 15.99 28.60 25.83
C ALA D 59 14.98 27.76 25.06
N TRP D 60 14.71 28.13 23.81
CA TRP D 60 13.75 27.40 22.98
C TRP D 60 14.12 25.93 22.72
N ARG D 61 15.37 25.65 22.38
CA ARG D 61 15.86 24.28 22.15
C ARG D 61 15.79 23.42 23.43
N GLU D 62 16.13 24.01 24.57
CA GLU D 62 16.03 23.33 25.86
C GLU D 62 14.57 22.99 26.24
N HIS D 63 13.67 23.97 26.15
CA HIS D 63 12.22 23.75 26.32
C HIS D 63 11.66 22.71 25.36
N TYR D 64 12.12 22.74 24.10
CA TYR D 64 11.72 21.78 23.08
C TYR D 64 12.19 20.38 23.46
N ASP D 65 13.48 20.26 23.76
CA ASP D 65 14.10 18.97 24.08
C ASP D 65 13.73 18.49 25.50
N ARG D 66 13.10 19.38 26.28
CA ARG D 66 12.56 19.03 27.61
C ARG D 66 11.03 18.81 27.61
N ALA D 67 10.33 19.24 26.57
CA ALA D 67 8.86 19.02 26.54
C ALA D 67 8.44 17.89 25.58
N GLY D 68 9.42 17.23 24.97
CA GLY D 68 9.18 16.15 24.03
C GLY D 68 8.48 16.54 22.74
N TYR D 69 8.68 17.78 22.29
CA TYR D 69 8.11 18.26 21.01
C TYR D 69 8.44 17.44 19.76
N ALA D 70 9.52 16.66 19.81
CA ALA D 70 9.85 15.74 18.72
C ALA D 70 8.69 14.79 18.38
N ARG D 71 7.85 14.45 19.36
CA ARG D 71 6.66 13.60 19.12
C ARG D 71 5.40 14.40 18.69
N VAL D 72 5.50 15.73 18.64
CA VAL D 72 4.33 16.60 18.42
C VAL D 72 4.55 17.51 17.21
N ASP D 73 5.72 18.14 17.14
CA ASP D 73 6.17 18.92 15.98
C ASP D 73 5.80 18.25 14.64
N PRO D 74 4.90 18.90 13.86
CA PRO D 74 4.39 18.30 12.61
C PRO D 74 5.40 18.25 11.46
N THR D 75 6.51 19.01 11.56
CA THR D 75 7.58 18.95 10.57
C THR D 75 8.36 17.63 10.67
N VAL D 76 8.41 17.07 11.87
CA VAL D 76 9.21 15.89 12.19
C VAL D 76 8.60 14.60 11.60
N SER D 77 7.29 14.41 11.77
CA SER D 77 6.65 13.24 11.20
C SER D 77 6.59 13.35 9.67
N HIS D 78 6.59 14.60 9.19
CA HIS D 78 6.64 14.90 7.76
C HIS D 78 7.93 14.42 7.15
N CYS D 79 9.03 14.75 7.81
CA CYS D 79 10.34 14.38 7.28
C CYS D 79 10.52 12.88 7.13
N THR D 80 9.96 12.09 8.05
CA THR D 80 10.15 10.64 8.01
C THR D 80 9.41 10.11 6.81
N GLN D 81 8.49 10.92 6.29
CA GLN D 81 7.53 10.47 5.28
C GLN D 81 7.75 11.09 3.88
N SER D 82 8.54 12.17 3.80
CA SER D 82 8.69 12.93 2.54
C SER D 82 10.12 13.45 2.30
N VAL D 83 10.45 13.79 1.05
CA VAL D 83 11.67 14.52 0.68
C VAL D 83 11.35 15.97 0.26
N LEU D 84 10.06 16.35 0.29
CA LEU D 84 9.61 17.73 -0.03
C LEU D 84 9.51 18.66 1.20
N PRO D 85 9.83 19.97 1.02
CA PRO D 85 9.73 20.85 2.17
C PRO D 85 8.32 20.96 2.69
N ILE D 86 8.19 21.20 3.98
CA ILE D 86 6.90 21.50 4.56
C ILE D 86 7.00 22.95 5.03
N PHE D 87 6.14 23.81 4.48
CA PHE D 87 6.10 25.21 4.90
C PHE D 87 5.34 25.34 6.22
N TRP D 88 5.81 26.21 7.11
CA TRP D 88 5.14 26.40 8.40
C TRP D 88 3.81 27.19 8.31
N GLU D 89 2.70 26.46 8.21
CA GLU D 89 1.37 27.03 8.06
C GLU D 89 0.49 26.47 9.16
N PRO D 90 -0.52 27.24 9.61
CA PRO D 90 -1.55 26.69 10.51
C PRO D 90 -2.08 25.35 10.01
N SER D 91 -2.30 25.25 8.70
CA SER D 91 -2.68 23.99 8.04
C SER D 91 -2.01 22.77 8.68
N ILE D 92 -0.70 22.89 8.96
CA ILE D 92 0.09 21.77 9.50
C ILE D 92 -0.12 21.56 11.01
N TYR D 93 -0.83 22.47 11.65
CA TYR D 93 -1.15 22.30 13.08
C TYR D 93 -2.57 21.76 13.24
N GLN D 94 -2.63 20.48 13.61
CA GLN D 94 -3.86 19.68 13.60
C GLN D 94 -4.47 19.46 14.99
N THR D 95 -3.67 18.87 15.90
CA THR D 95 -4.15 18.52 17.25
C THR D 95 -4.01 19.75 18.17
N ARG D 96 -4.60 19.71 19.39
CA ARG D 96 -4.43 20.84 20.32
C ARG D 96 -3.06 20.85 21.06
N LYS D 97 -2.41 19.68 21.05
CA LYS D 97 -0.97 19.56 21.39
C LYS D 97 -0.13 20.34 20.37
N GLN D 98 -0.63 20.38 19.13
CA GLN D 98 0.02 21.11 18.03
C GLN D 98 -0.45 22.57 17.96
N HIS D 99 -1.71 22.81 18.34
CA HIS D 99 -2.29 24.16 18.51
C HIS D 99 -1.35 25.05 19.30
N GLU D 100 -0.73 24.45 20.34
CA GLU D 100 0.05 25.18 21.32
C GLU D 100 1.55 25.16 21.02
N PHE D 101 1.99 24.07 20.39
CA PHE D 101 3.36 23.97 19.93
C PHE D 101 3.68 25.23 19.15
N PHE D 102 2.88 25.50 18.11
CA PHE D 102 2.94 26.75 17.36
C PHE D 102 2.99 27.99 18.28
N GLU D 103 1.95 28.15 19.12
CA GLU D 103 1.83 29.30 20.02
C GLU D 103 3.20 29.68 20.63
N GLU D 104 3.90 28.67 21.14
CA GLU D 104 5.15 28.84 21.85
C GLU D 104 6.29 29.21 20.93
N ALA D 105 6.48 28.39 19.88
CA ALA D 105 7.46 28.64 18.84
C ALA D 105 7.37 30.08 18.39
N SER D 106 6.15 30.54 18.21
CA SER D 106 5.87 31.91 17.83
C SER D 106 6.38 32.93 18.84
N ALA D 107 6.11 32.71 20.13
CA ALA D 107 6.69 33.57 21.18
C ALA D 107 8.21 33.56 21.10
N ALA D 108 8.77 32.40 20.75
CA ALA D 108 10.21 32.24 20.67
C ALA D 108 10.74 32.67 19.31
N GLY D 109 9.90 33.33 18.51
CA GLY D 109 10.33 33.96 17.27
C GLY D 109 10.29 33.16 15.98
N LEU D 110 9.90 31.89 16.07
CA LEU D 110 9.68 31.06 14.87
C LEU D 110 8.23 31.17 14.41
N VAL D 111 8.00 31.91 13.34
CA VAL D 111 6.65 32.10 12.82
C VAL D 111 6.52 31.68 11.32
N TYR D 112 7.09 32.48 10.42
CA TYR D 112 7.18 32.06 9.04
C TYR D 112 8.48 31.23 8.81
N GLY D 113 8.37 30.18 7.99
CA GLY D 113 9.53 29.44 7.51
C GLY D 113 9.19 28.11 6.88
N LEU D 114 10.20 27.25 6.77
CA LEU D 114 10.01 25.93 6.21
C LEU D 114 11.02 24.97 6.79
N THR D 115 10.75 23.67 6.63
CA THR D 115 11.70 22.63 6.97
C THR D 115 11.94 21.80 5.73
N MET D 116 13.19 21.52 5.44
CA MET D 116 13.57 20.61 4.38
C MET D 116 13.95 19.27 5.00
N PRO D 117 13.26 18.20 4.61
CA PRO D 117 13.62 16.89 5.12
C PRO D 117 15.00 16.47 4.59
N LEU D 118 15.73 15.62 5.33
CA LEU D 118 17.03 15.12 4.86
C LEU D 118 17.09 13.61 4.95
N HIS D 119 17.45 12.97 3.84
CA HIS D 119 17.59 11.51 3.74
C HIS D 119 18.90 11.21 3.08
N GLY D 120 19.90 10.87 3.91
CA GLY D 120 21.26 10.68 3.43
C GLY D 120 21.34 9.36 2.72
N ALA D 121 22.46 9.11 2.04
CA ALA D 121 22.65 7.79 1.39
C ALA D 121 23.00 6.63 2.34
N ARG D 122 23.35 6.95 3.59
CA ARG D 122 23.62 5.89 4.59
C ARG D 122 22.40 5.73 5.49
N GLY D 123 21.23 6.16 4.99
CA GLY D 123 19.97 6.09 5.74
C GLY D 123 19.79 7.20 6.79
N GLU D 124 20.71 8.16 6.83
CA GLU D 124 20.58 9.24 7.81
C GLU D 124 19.27 9.96 7.56
N LEU D 125 18.68 10.47 8.63
CA LEU D 125 17.38 11.10 8.58
C LEU D 125 17.49 12.42 9.31
N GLY D 126 16.98 13.49 8.71
CA GLY D 126 17.10 14.78 9.34
C GLY D 126 16.26 15.91 8.80
N ALA D 127 16.52 17.10 9.29
CA ALA D 127 15.83 18.24 8.76
C ALA D 127 16.77 19.43 8.72
N LEU D 128 16.55 20.29 7.74
CA LEU D 128 17.05 21.64 7.80
C LEU D 128 15.86 22.58 7.92
N SER D 129 15.75 23.30 9.03
CA SER D 129 14.66 24.25 9.23
C SER D 129 15.17 25.70 9.25
N LEU D 130 14.46 26.59 8.56
CA LEU D 130 14.94 27.96 8.34
C LEU D 130 13.74 28.87 8.50
N SER D 131 13.84 29.86 9.38
CA SER D 131 12.73 30.76 9.69
C SER D 131 12.86 32.04 8.89
N VAL D 132 11.74 32.73 8.68
CA VAL D 132 11.77 33.91 7.83
C VAL D 132 11.14 35.08 8.52
N GLU D 133 11.91 36.14 8.65
CA GLU D 133 11.40 37.39 9.25
C GLU D 133 10.66 38.19 8.18
N ALA D 134 9.39 38.51 8.44
CA ALA D 134 8.59 39.27 7.49
C ALA D 134 7.35 39.84 8.16
N GLU D 135 6.76 40.85 7.53
CA GLU D 135 5.51 41.45 7.98
C GLU D 135 4.38 40.42 8.04
N ASN D 136 3.99 39.90 6.88
CA ASN D 136 2.86 38.98 6.80
C ASN D 136 3.28 37.69 6.10
N ARG D 137 2.42 36.67 6.20
CA ARG D 137 2.71 35.35 5.65
C ARG D 137 2.89 35.39 4.13
N ALA D 138 2.25 36.37 3.48
CA ALA D 138 2.34 36.52 2.02
C ALA D 138 3.74 36.89 1.52
N GLU D 139 4.36 37.95 2.03
CA GLU D 139 5.70 38.29 1.58
C GLU D 139 6.76 37.23 1.97
N ALA D 140 6.55 36.56 3.10
CA ALA D 140 7.39 35.42 3.49
C ALA D 140 7.39 34.36 2.38
N ASN D 141 6.21 34.06 1.86
CA ASN D 141 6.06 33.11 0.74
C ASN D 141 6.74 33.64 -0.50
N ARG D 142 6.44 34.90 -0.81
CA ARG D 142 7.14 35.62 -1.87
C ARG D 142 8.67 35.47 -1.70
N PHE D 143 9.19 35.67 -0.50
CA PHE D 143 10.63 35.45 -0.26
C PHE D 143 11.09 34.01 -0.48
N MET D 144 10.36 33.03 0.06
CA MET D 144 10.80 31.64 0.02
C MET D 144 10.74 31.12 -1.38
N GLU D 145 9.77 31.59 -2.16
CA GLU D 145 9.66 31.17 -3.55
C GLU D 145 10.94 31.55 -4.26
N SER D 146 11.39 32.78 -4.00
CA SER D 146 12.50 33.36 -4.74
C SER D 146 13.86 32.64 -4.55
N VAL D 147 14.01 31.95 -3.41
CA VAL D 147 15.27 31.29 -3.04
C VAL D 147 15.20 29.77 -2.92
N LEU D 148 13.99 29.23 -3.05
CA LEU D 148 13.76 27.80 -3.06
C LEU D 148 14.77 26.95 -3.87
N PRO D 149 15.04 27.29 -5.15
CA PRO D 149 16.01 26.46 -5.91
C PRO D 149 17.41 26.38 -5.29
N THR D 150 17.96 27.52 -4.86
CA THR D 150 19.26 27.51 -4.14
C THR D 150 19.22 26.69 -2.84
N LEU D 151 18.18 26.92 -2.05
CA LEU D 151 18.04 26.24 -0.79
C LEU D 151 17.97 24.72 -1.05
N TRP D 152 17.36 24.36 -2.16
CA TRP D 152 17.23 22.98 -2.49
C TRP D 152 18.57 22.33 -2.70
N MET D 153 19.48 23.05 -3.35
CA MET D 153 20.85 22.58 -3.50
C MET D 153 21.55 22.61 -2.18
N LEU D 154 21.39 23.69 -1.42
CA LEU D 154 22.06 23.83 -0.15
C LEU D 154 21.76 22.64 0.76
N LYS D 155 20.48 22.32 0.88
CA LYS D 155 20.09 21.27 1.81
C LYS D 155 20.84 19.93 1.52
N ASP D 156 21.07 19.60 0.24
CA ASP D 156 21.82 18.39 -0.14
C ASP D 156 23.32 18.52 0.04
N TYR D 157 23.93 19.67 -0.29
CA TYR D 157 25.34 19.90 0.10
C TYR D 157 25.59 19.84 1.62
N ALA D 158 24.73 20.50 2.39
CA ALA D 158 24.75 20.39 3.86
C ALA D 158 24.66 18.90 4.33
N LEU D 159 23.61 18.22 3.90
CA LEU D 159 23.44 16.80 4.21
C LEU D 159 24.68 15.97 3.87
N GLN D 160 25.24 16.13 2.67
CA GLN D 160 26.42 15.35 2.30
C GLN D 160 27.69 15.63 3.12
N SER D 161 27.99 16.90 3.38
CA SER D 161 29.13 17.22 4.24
C SER D 161 28.82 16.99 5.72
N GLY D 162 27.63 17.44 6.13
CA GLY D 162 27.19 17.25 7.51
C GLY D 162 27.31 15.81 7.97
N ALA D 163 26.76 14.88 7.17
CA ALA D 163 26.73 13.46 7.56
C ALA D 163 28.14 12.93 7.72
N GLY D 164 29.06 13.45 6.90
CA GLY D 164 30.46 13.10 6.99
C GLY D 164 31.00 13.31 8.40
N LEU D 165 30.84 14.52 8.93
CA LEU D 165 31.41 14.83 10.25
C LEU D 165 30.56 14.51 11.49
N ALA D 166 29.26 14.30 11.31
CA ALA D 166 28.38 13.89 12.41
C ALA D 166 28.41 12.36 12.62
N GLY E 6 5.62 21.30 -15.43
CA GLY E 6 4.57 21.30 -14.37
C GLY E 6 4.88 20.36 -13.19
N PHE E 7 5.24 20.95 -12.04
CA PHE E 7 5.48 20.16 -10.82
C PHE E 7 4.21 19.63 -10.15
N LEU E 8 3.19 20.48 -10.07
CA LEU E 8 1.88 20.07 -9.58
C LEU E 8 1.42 18.81 -10.35
N GLU E 9 1.47 18.89 -11.69
CA GLU E 9 1.12 17.75 -12.57
C GLU E 9 1.87 16.45 -12.28
N LEU E 10 3.17 16.52 -12.07
CA LEU E 10 3.95 15.32 -11.78
C LEU E 10 3.47 14.65 -10.49
N GLU E 11 2.98 15.48 -9.58
CA GLU E 11 2.58 15.08 -8.25
C GLU E 11 1.23 14.37 -8.23
N ARG E 12 0.22 15.02 -8.81
CA ARG E 12 -1.15 14.53 -8.72
C ARG E 12 -1.53 13.62 -9.88
N SER E 13 -0.54 13.14 -10.65
CA SER E 13 -0.83 12.32 -11.83
C SER E 13 -1.23 10.89 -11.44
N SER E 14 -2.28 10.40 -12.10
CA SER E 14 -2.89 9.10 -11.82
C SER E 14 -1.92 7.90 -11.76
N GLY E 15 -1.56 7.34 -12.92
CA GLY E 15 -0.73 6.13 -13.00
C GLY E 15 0.66 6.33 -13.61
N LYS E 16 1.41 5.23 -13.73
CA LYS E 16 2.80 5.26 -14.21
C LYS E 16 3.04 6.01 -15.54
N LEU E 17 2.34 5.63 -16.61
CA LEU E 17 2.57 6.22 -17.94
C LEU E 17 2.25 7.72 -18.01
N GLU E 18 1.19 8.17 -17.37
CA GLU E 18 0.95 9.60 -17.25
C GLU E 18 2.15 10.27 -16.58
N TRP E 19 2.52 9.77 -15.39
CA TRP E 19 3.62 10.32 -14.62
C TRP E 19 4.93 10.42 -15.42
N SER E 20 5.33 9.30 -16.05
CA SER E 20 6.61 9.26 -16.74
C SER E 20 6.63 10.14 -17.98
N ALA E 21 5.48 10.31 -18.63
CA ALA E 21 5.37 11.18 -19.81
C ALA E 21 5.59 12.62 -19.40
N ILE E 22 5.02 13.01 -18.26
CA ILE E 22 5.30 14.33 -17.73
C ILE E 22 6.78 14.46 -17.32
N LEU E 23 7.32 13.47 -16.58
CA LEU E 23 8.75 13.46 -16.28
C LEU E 23 9.62 13.76 -17.51
N GLN E 24 9.49 12.94 -18.54
CA GLN E 24 10.29 13.07 -19.74
C GLN E 24 9.97 14.35 -20.54
N LYS E 25 8.70 14.80 -20.52
CA LYS E 25 8.35 16.08 -21.12
C LYS E 25 9.05 17.26 -20.43
N MET E 26 9.06 17.29 -19.10
CA MET E 26 9.72 18.37 -18.36
C MET E 26 11.25 18.37 -18.57
N ALA E 27 11.87 17.20 -18.43
CA ALA E 27 13.29 17.02 -18.73
C ALA E 27 13.68 17.35 -20.18
N SER E 28 12.82 17.04 -21.17
CA SER E 28 13.00 17.53 -22.54
C SER E 28 12.90 19.05 -22.64
N ASP E 29 11.83 19.61 -22.07
CA ASP E 29 11.62 21.05 -22.06
C ASP E 29 12.81 21.76 -21.40
N LEU E 30 13.49 21.06 -20.50
CA LEU E 30 14.63 21.62 -19.76
C LEU E 30 15.83 21.71 -20.69
N GLY E 31 15.85 20.82 -21.70
CA GLY E 31 16.91 20.75 -22.71
C GLY E 31 17.67 19.44 -22.76
N PHE E 32 17.18 18.44 -22.02
CA PHE E 32 17.87 17.15 -21.96
C PHE E 32 17.37 16.23 -23.05
N SER E 33 18.26 15.35 -23.50
CA SER E 33 18.02 14.50 -24.63
C SER E 33 17.41 13.17 -24.17
N LYS E 34 18.18 12.34 -23.47
CA LYS E 34 17.68 11.03 -23.01
C LYS E 34 17.53 11.03 -21.50
N ILE E 35 16.64 10.18 -21.01
CA ILE E 35 16.34 10.14 -19.59
C ILE E 35 16.16 8.72 -19.07
N LEU E 36 16.67 8.47 -17.86
CA LEU E 36 16.30 7.28 -17.11
C LEU E 36 15.95 7.65 -15.69
N PHE E 37 14.79 7.21 -15.24
CA PHE E 37 14.40 7.34 -13.86
C PHE E 37 14.36 5.93 -13.24
N GLY E 38 15.27 5.64 -12.33
CA GLY E 38 15.36 4.29 -11.74
C GLY E 38 15.01 4.27 -10.27
N LEU E 39 14.31 3.24 -9.84
CA LEU E 39 13.86 3.15 -8.43
C LEU E 39 13.64 1.72 -7.91
N LEU E 40 14.19 1.53 -6.71
CA LEU E 40 14.20 0.27 -5.98
C LEU E 40 13.64 0.48 -4.57
N PRO E 41 12.79 -0.44 -4.09
CA PRO E 41 12.28 -0.37 -2.70
C PRO E 41 13.40 -0.36 -1.69
N LYS E 42 13.04 -0.13 -0.42
CA LYS E 42 13.99 -0.25 0.69
C LYS E 42 14.71 -1.60 0.64
N ASP E 43 16.04 -1.55 0.70
CA ASP E 43 16.91 -2.74 0.71
C ASP E 43 16.72 -3.62 -0.52
N SER E 44 16.77 -3.01 -1.69
CA SER E 44 16.68 -3.75 -2.94
C SER E 44 17.85 -3.34 -3.81
N GLN E 45 18.58 -4.33 -4.32
CA GLN E 45 19.67 -4.08 -5.28
C GLN E 45 19.43 -4.83 -6.61
N ASP E 46 18.23 -5.42 -6.68
CA ASP E 46 17.73 -6.03 -7.91
C ASP E 46 17.36 -4.89 -8.90
N TYR E 47 18.43 -4.44 -9.63
CA TYR E 47 18.31 -3.25 -10.52
C TYR E 47 17.45 -3.52 -11.75
N GLU E 48 17.24 -4.81 -12.07
CA GLU E 48 16.37 -5.20 -13.20
C GLU E 48 14.89 -4.95 -12.95
N ASN E 49 14.39 -5.43 -11.81
CA ASN E 49 13.00 -5.25 -11.42
C ASN E 49 12.75 -3.89 -10.75
N ALA E 50 13.77 -3.03 -10.81
CA ALA E 50 13.64 -1.65 -10.44
C ALA E 50 12.51 -0.98 -11.23
N PHE E 51 11.80 -0.07 -10.58
CA PHE E 51 10.79 0.71 -11.28
C PHE E 51 11.53 1.70 -12.19
N ILE E 52 11.46 1.47 -13.50
CA ILE E 52 12.31 2.18 -14.48
C ILE E 52 11.51 2.77 -15.66
N VAL E 53 11.73 4.04 -15.97
CA VAL E 53 11.11 4.73 -17.14
C VAL E 53 12.12 5.59 -17.89
N GLY E 54 11.70 6.15 -19.03
CA GLY E 54 12.55 7.07 -19.81
C GLY E 54 12.68 6.67 -21.26
N ASN E 55 13.69 7.19 -21.96
CA ASN E 55 13.91 6.79 -23.34
C ASN E 55 15.34 6.39 -23.68
N TYR E 56 15.95 5.62 -22.78
CA TYR E 56 17.16 4.92 -23.11
C TYR E 56 16.81 3.92 -24.22
N PRO E 57 17.67 3.78 -25.25
CA PRO E 57 17.30 2.81 -26.29
C PRO E 57 17.03 1.40 -25.72
N ALA E 58 16.04 0.71 -26.29
CA ALA E 58 15.67 -0.66 -25.90
C ALA E 58 16.88 -1.59 -25.90
N ALA E 59 17.64 -1.58 -27.01
CA ALA E 59 18.82 -2.42 -27.18
C ALA E 59 19.91 -2.15 -26.15
N TRP E 60 19.93 -0.95 -25.57
CA TRP E 60 20.88 -0.66 -24.51
C TRP E 60 20.34 -1.02 -23.11
N ARG E 61 19.06 -0.75 -22.82
CA ARG E 61 18.40 -1.31 -21.61
C ARG E 61 18.55 -2.84 -21.57
N GLU E 62 18.38 -3.48 -22.72
CA GLU E 62 18.56 -4.92 -22.93
C GLU E 62 20.03 -5.38 -22.73
N HIS E 63 20.98 -4.65 -23.32
CA HIS E 63 22.42 -4.93 -23.17
C HIS E 63 22.93 -4.76 -21.72
N TYR E 64 22.56 -3.65 -21.09
CA TYR E 64 22.90 -3.34 -19.69
C TYR E 64 22.47 -4.44 -18.70
N ASP E 65 21.19 -4.82 -18.76
CA ASP E 65 20.63 -5.78 -17.81
C ASP E 65 20.77 -7.22 -18.30
N ARG E 66 21.88 -7.47 -18.98
CA ARG E 66 22.33 -8.80 -19.39
C ARG E 66 23.84 -8.83 -19.18
N ALA E 67 24.47 -7.68 -19.41
CA ALA E 67 25.88 -7.46 -19.10
C ALA E 67 26.07 -7.20 -17.60
N GLY E 68 24.95 -7.03 -16.89
CA GLY E 68 24.98 -6.74 -15.45
C GLY E 68 25.75 -5.46 -15.16
N TYR E 69 25.67 -4.51 -16.11
CA TYR E 69 26.48 -3.29 -16.11
C TYR E 69 26.39 -2.51 -14.81
N ALA E 70 25.35 -2.78 -14.02
CA ALA E 70 25.17 -2.15 -12.70
C ALA E 70 26.33 -2.47 -11.72
N ARG E 71 27.01 -3.61 -11.94
CA ARG E 71 28.20 -4.02 -11.16
C ARG E 71 29.45 -3.15 -11.47
N VAL E 72 29.33 -2.50 -12.70
CA VAL E 72 30.43 -1.74 -13.30
C VAL E 72 30.16 -0.22 -13.33
N ASP E 73 28.99 0.16 -13.85
CA ASP E 73 28.48 1.55 -13.88
C ASP E 73 28.88 2.34 -12.62
N PRO E 74 29.77 3.35 -12.78
CA PRO E 74 30.27 4.18 -11.67
C PRO E 74 29.19 4.96 -10.94
N THR E 75 28.12 5.32 -11.65
CA THR E 75 27.10 6.23 -11.11
C THR E 75 26.22 5.51 -10.09
N VAL E 76 25.97 4.22 -10.35
CA VAL E 76 25.19 3.33 -9.49
C VAL E 76 25.84 3.28 -8.11
N SER E 77 27.14 3.06 -8.10
CA SER E 77 27.89 2.96 -6.85
C SER E 77 27.96 4.33 -6.15
N HIS E 78 28.11 5.38 -6.96
CA HIS E 78 28.10 6.74 -6.47
C HIS E 78 26.75 7.06 -5.83
N CYS E 79 25.66 6.62 -6.48
CA CYS E 79 24.33 6.84 -5.94
C CYS E 79 24.21 6.26 -4.50
N THR E 80 24.67 5.02 -4.33
CA THR E 80 24.69 4.35 -3.02
C THR E 80 25.37 5.17 -1.93
N GLN E 81 26.36 5.98 -2.34
CA GLN E 81 27.19 6.73 -1.39
C GLN E 81 26.68 8.14 -1.08
N SER E 82 26.07 8.79 -2.06
CA SER E 82 25.86 10.25 -2.02
C SER E 82 24.43 10.68 -2.27
N VAL E 83 24.15 11.97 -2.00
CA VAL E 83 22.94 12.61 -2.51
C VAL E 83 23.30 13.63 -3.61
N LEU E 84 24.59 13.83 -3.84
CA LEU E 84 25.02 14.84 -4.80
C LEU E 84 25.05 14.25 -6.22
N PRO E 85 24.92 15.10 -7.26
CA PRO E 85 24.97 14.58 -8.63
C PRO E 85 26.39 14.16 -8.99
N ILE E 86 26.52 13.25 -9.95
CA ILE E 86 27.80 12.94 -10.59
C ILE E 86 27.72 13.28 -12.10
N PHE E 87 28.75 13.95 -12.60
CA PHE E 87 28.81 14.38 -13.99
C PHE E 87 29.55 13.38 -14.83
N TRP E 88 28.98 13.09 -16.00
CA TRP E 88 29.57 12.12 -16.92
C TRP E 88 30.86 12.65 -17.59
N GLU E 89 31.99 12.46 -16.89
CA GLU E 89 33.31 12.77 -17.44
C GLU E 89 34.27 11.58 -17.30
N PRO E 90 35.19 11.41 -18.29
CA PRO E 90 36.16 10.29 -18.33
C PRO E 90 36.91 10.04 -17.03
N SER E 91 36.90 11.04 -16.14
CA SER E 91 37.45 10.93 -14.79
C SER E 91 36.79 9.82 -13.94
N ILE E 92 35.44 9.77 -13.96
CA ILE E 92 34.68 8.78 -13.16
C ILE E 92 34.87 7.35 -13.68
N TYR E 93 35.52 7.22 -14.83
CA TYR E 93 35.76 5.93 -15.45
C TYR E 93 37.24 5.52 -15.25
N GLN E 94 37.51 4.93 -14.09
CA GLN E 94 38.87 4.75 -13.56
C GLN E 94 39.59 3.44 -13.87
N THR E 95 38.89 2.31 -13.69
CA THR E 95 39.49 0.99 -13.92
C THR E 95 39.41 0.60 -15.40
N ARG E 96 40.36 -0.19 -15.87
CA ARG E 96 40.40 -0.58 -17.29
C ARG E 96 39.37 -1.68 -17.62
N LYS E 97 38.11 -1.39 -17.29
CA LYS E 97 36.94 -2.26 -17.52
C LYS E 97 35.68 -1.33 -17.53
N GLN E 98 35.74 -0.27 -16.70
CA GLN E 98 34.78 0.83 -16.76
C GLN E 98 35.02 1.69 -18.02
N HIS E 99 36.22 1.57 -18.60
CA HIS E 99 36.55 2.27 -19.85
C HIS E 99 35.73 1.72 -21.01
N GLU E 100 35.43 0.43 -20.93
CA GLU E 100 34.75 -0.31 -22.00
C GLU E 100 33.21 -0.39 -21.79
N PHE E 101 32.80 0.06 -20.56
CA PHE E 101 31.40 0.41 -20.28
C PHE E 101 31.17 1.83 -20.77
N PHE E 102 32.23 2.64 -20.71
CA PHE E 102 32.19 4.02 -21.18
C PHE E 102 32.00 4.10 -22.70
N GLU E 103 32.78 3.32 -23.44
CA GLU E 103 32.67 3.40 -24.88
C GLU E 103 31.32 2.86 -25.35
N GLU E 104 30.86 1.79 -24.70
CA GLU E 104 29.53 1.21 -24.95
C GLU E 104 28.37 2.16 -24.56
N ALA E 105 28.65 3.10 -23.65
CA ALA E 105 27.74 4.21 -23.41
C ALA E 105 27.92 5.21 -24.54
N SER E 106 29.17 5.60 -24.78
CA SER E 106 29.51 6.60 -25.78
C SER E 106 29.21 6.16 -27.21
N ALA E 107 28.64 4.97 -27.37
CA ALA E 107 28.18 4.48 -28.67
C ALA E 107 26.65 4.27 -28.69
N ALA E 108 26.03 4.28 -27.52
CA ALA E 108 24.59 4.10 -27.40
C ALA E 108 23.88 5.45 -27.28
N GLY E 109 24.60 6.53 -27.58
CA GLY E 109 24.09 7.89 -27.52
C GLY E 109 24.38 8.57 -26.20
N LEU E 110 24.92 7.81 -25.25
CA LEU E 110 25.04 8.28 -23.87
C LEU E 110 26.44 8.87 -23.58
N VAL E 111 26.61 10.17 -23.83
CA VAL E 111 27.91 10.85 -23.64
C VAL E 111 27.88 11.93 -22.54
N TYR E 112 27.33 13.10 -22.86
CA TYR E 112 27.26 14.20 -21.91
C TYR E 112 26.07 13.99 -21.02
N GLY E 113 26.16 14.54 -19.80
CA GLY E 113 25.08 14.39 -18.87
C GLY E 113 25.49 14.18 -17.43
N LEU E 114 24.54 13.69 -16.66
CA LEU E 114 24.71 13.55 -15.21
C LEU E 114 23.66 12.65 -14.57
N THR E 115 24.01 12.17 -13.38
CA THR E 115 23.10 11.35 -12.59
C THR E 115 22.83 11.95 -11.21
N MET E 116 21.56 12.15 -10.92
CA MET E 116 21.09 12.64 -9.62
C MET E 116 20.63 11.43 -8.78
N PRO E 117 21.36 11.10 -7.71
CA PRO E 117 20.94 10.02 -6.83
C PRO E 117 19.57 10.30 -6.21
N LEU E 118 18.83 9.22 -5.91
CA LEU E 118 17.51 9.31 -5.27
C LEU E 118 17.44 8.52 -3.95
N HIS E 119 17.24 9.24 -2.86
CA HIS E 119 17.11 8.60 -1.56
C HIS E 119 15.81 9.03 -0.88
N GLY E 120 14.84 8.10 -0.86
CA GLY E 120 13.49 8.41 -0.45
C GLY E 120 13.26 8.33 1.04
N ALA E 121 12.17 8.95 1.49
CA ALA E 121 11.75 8.89 2.89
C ALA E 121 11.45 7.48 3.42
N ARG E 122 11.29 6.49 2.52
CA ARG E 122 11.04 5.06 2.95
C ARG E 122 12.22 4.12 2.71
N GLY E 123 13.40 4.69 2.44
CA GLY E 123 14.57 3.91 2.05
C GLY E 123 14.64 3.59 0.57
N GLU E 124 13.74 4.15 -0.24
CA GLU E 124 13.78 3.95 -1.70
C GLU E 124 15.14 4.39 -2.21
N LEU E 125 15.79 3.56 -3.00
CA LEU E 125 17.07 3.91 -3.61
C LEU E 125 16.94 4.01 -5.14
N GLY E 126 17.44 5.12 -5.73
CA GLY E 126 17.32 5.35 -7.17
C GLY E 126 18.31 6.29 -7.84
N ALA E 127 18.14 6.46 -9.16
CA ALA E 127 18.87 7.46 -9.91
C ALA E 127 17.93 8.20 -10.90
N LEU E 128 18.20 9.48 -11.15
CA LEU E 128 17.62 10.23 -12.29
C LEU E 128 18.78 10.61 -13.21
N SER E 129 18.83 9.95 -14.35
CA SER E 129 19.96 10.11 -15.28
C SER E 129 19.50 10.85 -16.51
N LEU E 130 20.31 11.77 -16.99
CA LEU E 130 19.91 12.69 -18.05
C LEU E 130 21.10 13.03 -18.95
N SER E 131 20.96 12.75 -20.24
CA SER E 131 22.02 13.03 -21.20
C SER E 131 21.78 14.37 -21.88
N VAL E 132 22.84 14.93 -22.44
CA VAL E 132 22.82 16.23 -23.09
C VAL E 132 23.40 16.01 -24.47
N GLU E 133 22.72 16.50 -25.50
CA GLU E 133 23.30 16.56 -26.85
C GLU E 133 24.07 17.86 -26.91
N ALA E 134 25.28 17.80 -27.46
CA ALA E 134 26.14 18.97 -27.52
C ALA E 134 27.40 18.70 -28.33
N GLU E 135 28.17 19.77 -28.53
CA GLU E 135 29.39 19.73 -29.33
C GLU E 135 30.61 19.26 -28.54
N ASN E 136 30.75 19.77 -27.31
CA ASN E 136 31.83 19.38 -26.41
C ASN E 136 31.34 19.20 -24.95
N ARG E 137 32.26 18.87 -24.04
CA ARG E 137 32.00 18.90 -22.59
C ARG E 137 31.90 20.36 -22.08
N ALA E 138 32.59 21.28 -22.74
CA ALA E 138 32.46 22.70 -22.43
C ALA E 138 30.99 23.10 -22.50
N GLU E 139 30.45 23.16 -23.73
CA GLU E 139 29.03 23.43 -24.05
C GLU E 139 28.13 22.78 -23.00
N ALA E 140 28.23 21.45 -22.93
CA ALA E 140 27.38 20.68 -22.04
C ALA E 140 27.41 21.18 -20.59
N ASN E 141 28.56 21.71 -20.14
CA ASN E 141 28.74 22.16 -18.74
C ASN E 141 27.99 23.45 -18.41
N ARG E 142 28.10 24.44 -19.28
CA ARG E 142 27.31 25.66 -19.15
C ARG E 142 25.83 25.30 -19.16
N PHE E 143 25.44 24.39 -20.04
CA PHE E 143 24.02 24.03 -20.08
C PHE E 143 23.61 23.48 -18.71
N MET E 144 24.28 22.44 -18.29
CA MET E 144 23.95 21.78 -17.08
C MET E 144 24.03 22.77 -15.89
N GLU E 145 25.01 23.65 -15.86
CA GLU E 145 25.09 24.60 -14.77
C GLU E 145 23.85 25.50 -14.71
N SER E 146 23.30 25.82 -15.87
CA SER E 146 22.20 26.75 -15.91
C SER E 146 20.86 26.13 -15.47
N VAL E 147 20.74 24.80 -15.53
CA VAL E 147 19.47 24.18 -15.18
C VAL E 147 19.55 23.39 -13.89
N LEU E 148 20.75 23.30 -13.35
CA LEU E 148 21.01 22.48 -12.18
C LEU E 148 20.07 22.82 -11.04
N PRO E 149 19.83 24.11 -10.73
CA PRO E 149 18.86 24.36 -9.62
C PRO E 149 17.44 23.79 -9.88
N THR E 150 16.94 23.95 -11.10
CA THR E 150 15.62 23.41 -11.48
C THR E 150 15.59 21.89 -11.41
N LEU E 151 16.64 21.27 -11.94
CA LEU E 151 16.81 19.82 -11.91
C LEU E 151 16.81 19.26 -10.48
N TRP E 152 17.54 19.91 -9.58
CA TRP E 152 17.61 19.52 -8.18
C TRP E 152 16.22 19.39 -7.55
N MET E 153 15.33 20.36 -7.78
CA MET E 153 13.96 20.32 -7.28
C MET E 153 13.19 19.20 -7.97
N LEU E 154 13.36 19.09 -9.29
CA LEU E 154 12.69 18.08 -10.10
C LEU E 154 13.02 16.65 -9.71
N LYS E 155 14.27 16.29 -9.49
CA LYS E 155 14.52 14.94 -9.00
C LYS E 155 13.78 14.68 -7.64
N ASP E 156 13.74 15.66 -6.75
CA ASP E 156 12.99 15.48 -5.50
C ASP E 156 11.46 15.31 -5.70
N TYR E 157 10.86 16.16 -6.52
CA TYR E 157 9.46 15.98 -6.86
C TYR E 157 9.23 14.67 -7.62
N ALA E 158 10.13 14.29 -8.54
CA ALA E 158 9.98 13.02 -9.27
C ALA E 158 9.98 11.84 -8.30
N LEU E 159 10.98 11.81 -7.41
CA LEU E 159 11.11 10.76 -6.42
C LEU E 159 9.86 10.61 -5.52
N GLN E 160 9.40 11.73 -4.96
CA GLN E 160 8.31 11.70 -3.98
C GLN E 160 7.01 11.14 -4.60
N SER E 161 6.62 11.71 -5.74
CA SER E 161 5.44 11.24 -6.48
C SER E 161 5.64 9.86 -7.15
N GLY E 162 6.81 9.69 -7.81
CA GLY E 162 7.21 8.42 -8.42
C GLY E 162 7.27 7.21 -7.48
N ALA E 163 7.79 7.42 -6.27
CA ALA E 163 7.77 6.36 -5.24
C ALA E 163 6.36 5.91 -4.85
N GLY E 164 5.40 6.84 -4.85
CA GLY E 164 3.97 6.56 -4.58
C GLY E 164 3.25 5.63 -5.55
N LEU E 165 3.73 5.56 -6.80
CA LEU E 165 3.15 4.63 -7.80
C LEU E 165 4.04 3.46 -8.25
N ALA E 166 5.37 3.61 -8.20
CA ALA E 166 6.34 2.54 -8.49
C ALA E 166 5.78 1.11 -8.34
#